data_6ZZO
#
_entry.id   6ZZO
#
_cell.length_a   68.275
_cell.length_b   110.875
_cell.length_c   136.903
_cell.angle_alpha   90.000
_cell.angle_beta   90.000
_cell.angle_gamma   90.000
#
_symmetry.space_group_name_H-M   'P 21 21 2'
#
loop_
_entity.id
_entity.type
_entity.pdbx_description
1 polymer 'Putative beta-hydroxybutyrate dehydrogenase'
2 non-polymer NICOTINAMIDE-ADENINE-DINUCLEOTIDE
3 non-polymer 'ACETOACETIC ACID'
4 water water
#
_entity_poly.entity_id   1
_entity_poly.type   'polypeptide(L)'
_entity_poly.pdbx_seq_one_letter_code
;MATQLQQDLTGKVALVTGAASGIGRDIAETYAKAGAAVGIADINLEAAQKTVDAIEAAGGRALAIAMDVTSEAAVNDGVQ
RLVDTFGGIDILVSNAGIQIIDPIHKMAFEDWKKMLAIHLDGAFLTTKAAIQHMYKDDKGGTVIYMGSVHSHEASLFKAP
YVTAKHGLLGLCRVLAKEGAVHNVRSHVICPGFVKTPLVEKQIPQQAAEKGISEESVVNDIMLVNTVDKEFTTVDDIAQL
ALFLAAFPTNVFTGQSIVASHGWFMN
;
_entity_poly.pdbx_strand_id   A,B,C,D
#
loop_
_chem_comp.id
_chem_comp.type
_chem_comp.name
_chem_comp.formula
AAE non-polymer 'ACETOACETIC ACID' 'C4 H6 O3'
NAD non-polymer NICOTINAMIDE-ADENINE-DINUCLEOTIDE 'C21 H27 N7 O14 P2'
#
# COMPACT_ATOMS: atom_id res chain seq x y z
N ALA A 2 1.10 -17.05 -16.21
CA ALA A 2 1.04 -15.89 -15.30
C ALA A 2 0.70 -14.64 -16.12
N THR A 3 -0.06 -13.73 -15.52
CA THR A 3 -0.48 -12.49 -16.21
C THR A 3 -0.43 -11.33 -15.22
N GLN A 4 -0.99 -10.21 -15.64
CA GLN A 4 -0.95 -8.94 -14.88
CA GLN A 4 -0.95 -8.94 -14.88
C GLN A 4 -2.12 -8.06 -15.35
N LEU A 5 -2.45 -7.04 -14.58
CA LEU A 5 -3.57 -6.16 -14.96
C LEU A 5 -3.15 -5.24 -16.12
N GLN A 6 -4.09 -4.91 -16.98
CA GLN A 6 -3.92 -3.92 -18.05
C GLN A 6 -4.65 -2.63 -17.66
N GLN A 7 -4.02 -1.47 -17.83
CA GLN A 7 -4.71 -0.20 -17.54
C GLN A 7 -4.29 0.90 -18.50
N ASP A 8 -3.51 0.61 -19.53
CA ASP A 8 -3.08 1.67 -20.47
C ASP A 8 -4.21 2.02 -21.43
N LEU A 9 -4.55 3.31 -21.54
CA LEU A 9 -5.56 3.80 -22.53
C LEU A 9 -4.90 4.74 -23.54
N THR A 10 -3.56 4.72 -23.64
CA THR A 10 -2.84 5.48 -24.68
C THR A 10 -3.44 5.20 -26.04
N GLY A 11 -3.70 6.24 -26.83
CA GLY A 11 -4.25 6.11 -28.18
C GLY A 11 -5.76 5.94 -28.21
N LYS A 12 -6.42 5.91 -27.06
CA LYS A 12 -7.90 5.76 -26.96
C LYS A 12 -8.52 7.13 -26.72
N VAL A 13 -9.77 7.25 -27.13
CA VAL A 13 -10.60 8.45 -26.91
C VAL A 13 -11.85 8.05 -26.15
N ALA A 14 -12.12 8.73 -25.04
CA ALA A 14 -13.31 8.44 -24.21
C ALA A 14 -14.22 9.67 -24.19
N LEU A 15 -15.52 9.42 -24.17
CA LEU A 15 -16.54 10.44 -23.83
C LEU A 15 -17.19 10.07 -22.51
N VAL A 16 -17.17 10.97 -21.54
CA VAL A 16 -17.85 10.73 -20.25
C VAL A 16 -18.92 11.80 -20.08
N THR A 17 -20.19 11.40 -19.97
CA THR A 17 -21.26 12.37 -19.69
C THR A 17 -21.37 12.62 -18.18
N GLY A 18 -21.79 13.81 -17.78
CA GLY A 18 -21.82 14.20 -16.37
C GLY A 18 -20.42 14.29 -15.79
N ALA A 19 -19.41 14.62 -16.60
CA ALA A 19 -18.00 14.55 -16.17
C ALA A 19 -17.54 15.84 -15.50
N ALA A 20 -18.41 16.81 -15.23
CA ALA A 20 -18.00 18.03 -14.50
C ALA A 20 -17.96 17.81 -12.99
N SER A 21 -18.50 16.71 -12.49
CA SER A 21 -18.74 16.51 -11.04
C SER A 21 -18.56 15.03 -10.67
N GLY A 22 -18.33 14.77 -9.40
CA GLY A 22 -18.61 13.47 -8.76
C GLY A 22 -17.98 12.30 -9.50
N ILE A 23 -18.75 11.24 -9.66
CA ILE A 23 -18.27 9.95 -10.22
C ILE A 23 -17.70 10.22 -11.62
N GLY A 24 -18.43 10.90 -12.48
CA GLY A 24 -18.01 11.13 -13.86
C GLY A 24 -16.68 11.88 -13.94
N ARG A 25 -16.50 12.89 -13.09
CA ARG A 25 -15.23 13.64 -13.06
C ARG A 25 -14.07 12.70 -12.69
N ASP A 26 -14.22 11.85 -11.69
CA ASP A 26 -13.12 10.95 -11.30
C ASP A 26 -12.85 9.98 -12.45
N ILE A 27 -13.89 9.42 -13.07
CA ILE A 27 -13.66 8.49 -14.22
C ILE A 27 -12.85 9.24 -15.27
N ALA A 28 -13.29 10.45 -15.63
CA ALA A 28 -12.62 11.21 -16.71
C ALA A 28 -11.14 11.46 -16.37
N GLU A 29 -10.87 11.92 -15.15
CA GLU A 29 -9.49 12.27 -14.73
CA GLU A 29 -9.48 12.27 -14.77
C GLU A 29 -8.64 10.99 -14.69
N THR A 30 -9.24 9.88 -14.27
CA THR A 30 -8.56 8.56 -14.20
C THR A 30 -8.24 8.07 -15.63
N TYR A 31 -9.18 8.14 -16.56
CA TYR A 31 -8.94 7.74 -17.96
C TYR A 31 -7.83 8.64 -18.54
N ALA A 32 -7.86 9.93 -18.28
CA ALA A 32 -6.82 10.85 -18.81
C ALA A 32 -5.45 10.49 -18.24
N LYS A 33 -5.36 10.15 -16.95
CA LYS A 33 -4.08 9.75 -16.31
CA LYS A 33 -4.07 9.76 -16.34
C LYS A 33 -3.57 8.48 -17.04
N ALA A 34 -4.49 7.60 -17.46
CA ALA A 34 -4.14 6.33 -18.13
C ALA A 34 -3.81 6.54 -19.61
N GLY A 35 -3.90 7.78 -20.10
CA GLY A 35 -3.43 8.13 -21.45
C GLY A 35 -4.55 8.43 -22.44
N ALA A 36 -5.81 8.24 -22.08
CA ALA A 36 -6.93 8.55 -23.01
C ALA A 36 -7.05 10.05 -23.20
N ALA A 37 -7.47 10.47 -24.40
CA ALA A 37 -8.04 11.81 -24.64
C ALA A 37 -9.51 11.78 -24.24
N VAL A 38 -9.97 12.72 -23.43
CA VAL A 38 -11.32 12.59 -22.81
C VAL A 38 -12.19 13.78 -23.20
N GLY A 39 -13.40 13.47 -23.68
CA GLY A 39 -14.48 14.45 -23.83
C GLY A 39 -15.22 14.60 -22.52
N ILE A 40 -15.19 15.79 -21.95
CA ILE A 40 -15.88 16.15 -20.68
C ILE A 40 -17.24 16.72 -21.03
N ALA A 41 -18.25 15.85 -21.17
CA ALA A 41 -19.58 16.25 -21.68
C ALA A 41 -20.50 16.53 -20.50
N ASP A 42 -21.03 17.74 -20.40
CA ASP A 42 -21.88 18.13 -19.25
C ASP A 42 -22.82 19.24 -19.71
N ILE A 43 -23.92 19.41 -19.00
CA ILE A 43 -24.85 20.56 -19.22
C ILE A 43 -24.24 21.82 -18.61
N ASN A 44 -23.30 21.68 -17.67
CA ASN A 44 -22.60 22.80 -16.99
C ASN A 44 -21.23 23.00 -17.67
N LEU A 45 -21.18 23.77 -18.76
CA LEU A 45 -19.96 23.88 -19.62
C LEU A 45 -18.80 24.48 -18.82
N GLU A 46 -19.08 25.49 -17.98
CA GLU A 46 -18.06 26.14 -17.10
C GLU A 46 -17.40 25.06 -16.25
N ALA A 47 -18.19 24.23 -15.56
CA ALA A 47 -17.67 23.19 -14.65
C ALA A 47 -16.94 22.14 -15.49
N ALA A 48 -17.41 21.88 -16.72
CA ALA A 48 -16.73 20.94 -17.64
C ALA A 48 -15.34 21.48 -17.97
N GLN A 49 -15.22 22.78 -18.21
CA GLN A 49 -13.90 23.36 -18.59
C GLN A 49 -12.97 23.36 -17.36
N LYS A 50 -13.49 23.45 -16.14
CA LYS A 50 -12.63 23.33 -14.93
C LYS A 50 -12.01 21.93 -14.88
N THR A 51 -12.79 20.89 -15.18
CA THR A 51 -12.27 19.50 -15.25
C THR A 51 -11.20 19.43 -16.34
N VAL A 52 -11.46 19.98 -17.53
CA VAL A 52 -10.45 19.97 -18.63
C VAL A 52 -9.18 20.66 -18.16
N ASP A 53 -9.30 21.81 -17.50
CA ASP A 53 -8.13 22.59 -17.01
C ASP A 53 -7.28 21.69 -16.11
N ALA A 54 -7.88 20.97 -15.18
CA ALA A 54 -7.16 20.03 -14.29
C ALA A 54 -6.45 18.97 -15.12
N ILE A 55 -7.17 18.33 -16.04
CA ILE A 55 -6.61 17.22 -16.83
C ILE A 55 -5.41 17.75 -17.60
N GLU A 56 -5.56 18.90 -18.26
CA GLU A 56 -4.46 19.48 -19.06
C GLU A 56 -3.26 19.85 -18.17
N ALA A 57 -3.49 20.46 -17.01
CA ALA A 57 -2.38 20.84 -16.10
C ALA A 57 -1.68 19.57 -15.60
N ALA A 58 -2.39 18.44 -15.50
CA ALA A 58 -1.86 17.15 -15.01
C ALA A 58 -1.17 16.38 -16.15
N GLY A 59 -1.09 16.96 -17.36
CA GLY A 59 -0.34 16.38 -18.49
C GLY A 59 -1.18 15.58 -19.46
N GLY A 60 -2.51 15.66 -19.36
CA GLY A 60 -3.42 14.88 -20.23
C GLY A 60 -4.05 15.72 -21.32
N ARG A 61 -4.97 15.09 -22.06
CA ARG A 61 -5.71 15.72 -23.17
C ARG A 61 -7.20 15.61 -22.90
N ALA A 62 -7.91 16.71 -23.03
CA ALA A 62 -9.38 16.71 -22.80
C ALA A 62 -10.03 17.86 -23.55
N LEU A 63 -11.33 17.75 -23.72
CA LEU A 63 -12.15 18.75 -24.45
C LEU A 63 -13.47 18.95 -23.71
N ALA A 64 -13.84 20.18 -23.38
CA ALA A 64 -15.14 20.51 -22.75
C ALA A 64 -16.23 20.50 -23.82
N ILE A 65 -17.28 19.72 -23.59
CA ILE A 65 -18.40 19.55 -24.57
C ILE A 65 -19.71 19.91 -23.87
N ALA A 66 -20.35 20.99 -24.31
CA ALA A 66 -21.69 21.37 -23.80
C ALA A 66 -22.71 20.36 -24.33
N MET A 67 -23.27 19.55 -23.44
CA MET A 67 -24.17 18.45 -23.88
C MET A 67 -25.24 18.24 -22.83
N ASP A 68 -26.47 18.65 -23.12
CA ASP A 68 -27.68 18.14 -22.44
C ASP A 68 -28.05 16.79 -23.05
N VAL A 69 -27.84 15.69 -22.31
CA VAL A 69 -27.98 14.33 -22.89
C VAL A 69 -29.44 13.99 -23.23
N THR A 70 -30.39 14.86 -22.87
CA THR A 70 -31.81 14.65 -23.27
C THR A 70 -32.04 15.11 -24.71
N SER A 71 -31.10 15.87 -25.28
CA SER A 71 -31.27 16.50 -26.62
C SER A 71 -30.56 15.67 -27.68
N GLU A 72 -31.29 15.09 -28.62
CA GLU A 72 -30.71 14.33 -29.74
C GLU A 72 -29.64 15.18 -30.44
N ALA A 73 -29.98 16.38 -30.86
CA ALA A 73 -29.04 17.24 -31.61
C ALA A 73 -27.78 17.52 -30.78
N ALA A 74 -27.94 17.84 -29.50
CA ALA A 74 -26.78 18.16 -28.65
C ALA A 74 -25.86 16.92 -28.56
N VAL A 75 -26.44 15.76 -28.33
CA VAL A 75 -25.65 14.52 -28.19
C VAL A 75 -24.92 14.27 -29.50
N ASN A 76 -25.61 14.32 -30.62
CA ASN A 76 -25.02 14.05 -31.95
CA ASN A 76 -24.97 14.02 -31.92
C ASN A 76 -23.88 15.06 -32.22
N ASP A 77 -24.15 16.32 -31.95
CA ASP A 77 -23.15 17.39 -32.23
C ASP A 77 -21.91 17.17 -31.34
N GLY A 78 -22.12 16.80 -30.08
CA GLY A 78 -21.01 16.67 -29.11
C GLY A 78 -20.14 15.47 -29.45
N VAL A 79 -20.74 14.35 -29.80
CA VAL A 79 -19.98 13.15 -30.22
C VAL A 79 -19.18 13.53 -31.48
N GLN A 80 -19.79 14.24 -32.44
CA GLN A 80 -19.05 14.63 -33.67
C GLN A 80 -17.87 15.53 -33.32
N ARG A 81 -18.05 16.50 -32.43
N ARG A 81 -18.06 16.48 -32.39
CA ARG A 81 -16.92 17.37 -32.01
CA ARG A 81 -17.00 17.42 -31.92
C ARG A 81 -15.79 16.48 -31.47
C ARG A 81 -15.82 16.63 -31.31
N LEU A 82 -16.10 15.55 -30.58
CA LEU A 82 -15.04 14.68 -30.00
C LEU A 82 -14.29 13.96 -31.12
N VAL A 83 -15.01 13.40 -32.09
CA VAL A 83 -14.42 12.60 -33.19
C VAL A 83 -13.61 13.55 -34.09
N ASP A 84 -14.09 14.76 -34.32
CA ASP A 84 -13.36 15.76 -35.16
C ASP A 84 -12.07 16.17 -34.46
N THR A 85 -12.08 16.29 -33.13
CA THR A 85 -10.92 16.80 -32.34
C THR A 85 -9.87 15.68 -32.18
N PHE A 86 -10.28 14.48 -31.78
CA PHE A 86 -9.33 13.43 -31.33
C PHE A 86 -9.30 12.22 -32.28
N GLY A 87 -10.16 12.17 -33.29
CA GLY A 87 -10.01 11.22 -34.40
C GLY A 87 -10.95 10.03 -34.33
N GLY A 88 -11.67 9.85 -33.22
CA GLY A 88 -12.60 8.72 -33.08
C GLY A 88 -13.15 8.68 -31.67
N ILE A 89 -13.92 7.64 -31.38
CA ILE A 89 -14.45 7.40 -30.02
C ILE A 89 -14.37 5.90 -29.73
N ASP A 90 -13.56 5.55 -28.73
CA ASP A 90 -13.32 4.16 -28.32
C ASP A 90 -14.17 3.77 -27.10
N ILE A 91 -14.48 4.72 -26.23
CA ILE A 91 -15.13 4.43 -24.92
C ILE A 91 -16.21 5.48 -24.71
N LEU A 92 -17.41 5.04 -24.36
CA LEU A 92 -18.48 5.92 -23.86
C LEU A 92 -18.82 5.54 -22.43
N VAL A 93 -18.86 6.52 -21.54
CA VAL A 93 -19.42 6.33 -20.18
C VAL A 93 -20.66 7.22 -20.08
N SER A 94 -21.82 6.58 -20.07
CA SER A 94 -23.12 7.26 -19.95
C SER A 94 -23.47 7.38 -18.46
N ASN A 95 -23.20 8.54 -17.88
CA ASN A 95 -23.16 8.72 -16.41
C ASN A 95 -24.06 9.88 -15.95
N ALA A 96 -24.31 10.90 -16.78
CA ALA A 96 -25.13 12.04 -16.32
C ALA A 96 -26.41 11.56 -15.62
N GLY A 97 -26.77 12.19 -14.53
CA GLY A 97 -27.98 11.84 -13.79
C GLY A 97 -28.34 12.89 -12.78
N ILE A 98 -29.60 12.85 -12.36
CA ILE A 98 -30.12 13.64 -11.22
C ILE A 98 -31.05 12.74 -10.40
N GLN A 99 -31.42 13.22 -9.23
CA GLN A 99 -32.37 12.54 -8.33
C GLN A 99 -33.53 13.49 -8.05
N ILE A 100 -34.75 12.97 -8.09
CA ILE A 100 -35.98 13.69 -7.68
C ILE A 100 -36.79 12.74 -6.81
N ILE A 101 -37.02 13.12 -5.56
CA ILE A 101 -37.59 12.25 -4.50
C ILE A 101 -39.05 12.66 -4.30
N ASP A 102 -39.96 11.70 -4.43
CA ASP A 102 -41.38 11.86 -4.06
C ASP A 102 -42.01 10.48 -4.14
N PRO A 103 -42.96 10.16 -3.24
CA PRO A 103 -43.75 8.95 -3.42
C PRO A 103 -44.59 9.02 -4.69
N ILE A 104 -44.86 7.86 -5.27
CA ILE A 104 -45.59 7.74 -6.56
C ILE A 104 -46.88 8.57 -6.51
N HIS A 105 -47.62 8.49 -5.42
CA HIS A 105 -48.95 9.11 -5.36
C HIS A 105 -48.85 10.64 -5.40
N LYS A 106 -47.68 11.23 -5.09
CA LYS A 106 -47.47 12.71 -5.07
C LYS A 106 -46.62 13.16 -6.27
N MET A 107 -45.94 12.26 -6.97
CA MET A 107 -44.87 12.64 -7.95
CA MET A 107 -44.90 12.67 -7.94
C MET A 107 -45.52 13.32 -9.16
N ALA A 108 -45.02 14.51 -9.53
CA ALA A 108 -45.46 15.19 -10.75
C ALA A 108 -45.07 14.36 -11.97
N PHE A 109 -45.96 14.22 -12.94
CA PHE A 109 -45.67 13.50 -14.19
C PHE A 109 -44.45 14.12 -14.88
N GLU A 110 -44.31 15.45 -14.85
CA GLU A 110 -43.17 16.05 -15.60
CA GLU A 110 -43.18 16.16 -15.51
C GLU A 110 -41.85 15.72 -14.89
N ASP A 111 -41.87 15.42 -13.60
CA ASP A 111 -40.66 14.96 -12.86
C ASP A 111 -40.32 13.51 -13.24
N TRP A 112 -41.35 12.67 -13.36
CA TRP A 112 -41.18 11.28 -13.87
C TRP A 112 -40.54 11.34 -15.25
N LYS A 113 -41.07 12.16 -16.16
CA LYS A 113 -40.58 12.19 -17.56
CA LYS A 113 -40.57 12.20 -17.55
C LYS A 113 -39.15 12.77 -17.61
N LYS A 114 -38.86 13.78 -16.80
CA LYS A 114 -37.51 14.41 -16.85
C LYS A 114 -36.49 13.36 -16.40
N MET A 115 -36.82 12.60 -15.35
CA MET A 115 -35.93 11.53 -14.83
C MET A 115 -35.67 10.50 -15.92
N LEU A 116 -36.72 10.02 -16.60
CA LEU A 116 -36.48 8.98 -17.64
C LEU A 116 -35.69 9.60 -18.81
N ALA A 117 -35.96 10.85 -19.15
CA ALA A 117 -35.26 11.50 -20.28
C ALA A 117 -33.74 11.56 -20.00
N ILE A 118 -33.35 11.97 -18.80
CA ILE A 118 -31.90 12.11 -18.50
C ILE A 118 -31.24 10.72 -18.41
N HIS A 119 -31.85 9.79 -17.68
CA HIS A 119 -31.21 8.48 -17.42
C HIS A 119 -31.35 7.54 -18.63
N LEU A 120 -32.55 7.46 -19.23
CA LEU A 120 -32.81 6.47 -20.29
C LEU A 120 -32.62 7.09 -21.68
N ASP A 121 -33.27 8.21 -21.99
CA ASP A 121 -33.02 8.81 -23.33
C ASP A 121 -31.54 9.20 -23.45
N GLY A 122 -30.91 9.69 -22.38
CA GLY A 122 -29.48 10.02 -22.47
C GLY A 122 -28.63 8.82 -22.83
N ALA A 123 -28.92 7.67 -22.21
CA ALA A 123 -28.20 6.41 -22.50
C ALA A 123 -28.44 5.98 -23.96
N PHE A 124 -29.69 6.02 -24.43
CA PHE A 124 -29.99 5.60 -25.81
C PHE A 124 -29.25 6.53 -26.79
N LEU A 125 -29.41 7.83 -26.60
CA LEU A 125 -28.92 8.82 -27.60
C LEU A 125 -27.39 8.73 -27.69
N THR A 126 -26.72 8.68 -26.54
CA THR A 126 -25.23 8.65 -26.53
C THR A 126 -24.75 7.31 -27.07
N THR A 127 -25.42 6.22 -26.71
CA THR A 127 -25.05 4.88 -27.25
C THR A 127 -25.14 4.92 -28.77
N LYS A 128 -26.32 5.29 -29.28
CA LYS A 128 -26.55 5.24 -30.74
C LYS A 128 -25.51 6.11 -31.47
N ALA A 129 -25.27 7.33 -30.99
CA ALA A 129 -24.29 8.22 -31.64
C ALA A 129 -22.90 7.59 -31.60
N ALA A 130 -22.51 7.02 -30.46
CA ALA A 130 -21.16 6.43 -30.31
C ALA A 130 -20.99 5.23 -31.23
N ILE A 131 -21.99 4.33 -31.31
CA ILE A 131 -21.80 3.06 -32.04
C ILE A 131 -21.87 3.29 -33.56
N GLN A 132 -22.42 4.41 -34.05
CA GLN A 132 -22.31 4.67 -35.51
CA GLN A 132 -22.29 4.82 -35.49
C GLN A 132 -20.81 4.79 -35.86
N HIS A 133 -19.98 5.29 -34.94
CA HIS A 133 -18.50 5.38 -35.13
C HIS A 133 -17.84 4.04 -34.83
N MET A 134 -18.16 3.43 -33.68
CA MET A 134 -17.48 2.19 -33.25
C MET A 134 -17.76 1.07 -34.26
N TYR A 135 -18.92 1.06 -34.90
CA TYR A 135 -19.28 -0.04 -35.83
C TYR A 135 -18.51 0.08 -37.15
N LYS A 136 -17.99 1.26 -37.50
CA LYS A 136 -17.25 1.46 -38.78
C LYS A 136 -16.01 0.55 -38.82
N ASP A 137 -15.91 -0.28 -39.85
CA ASP A 137 -14.77 -1.22 -40.06
C ASP A 137 -14.66 -2.16 -38.85
N ASP A 138 -15.75 -2.34 -38.09
CA ASP A 138 -15.76 -3.22 -36.89
C ASP A 138 -14.58 -2.87 -35.98
N LYS A 139 -14.25 -1.59 -35.85
CA LYS A 139 -13.15 -1.14 -34.95
C LYS A 139 -13.53 -1.46 -33.50
N GLY A 140 -14.78 -1.20 -33.14
CA GLY A 140 -15.32 -1.61 -31.83
C GLY A 140 -15.09 -0.57 -30.76
N GLY A 141 -15.39 -0.94 -29.52
CA GLY A 141 -15.30 0.00 -28.41
C GLY A 141 -16.08 -0.51 -27.21
N THR A 142 -16.05 0.30 -26.17
CA THR A 142 -16.62 -0.03 -24.85
C THR A 142 -17.71 0.98 -24.52
N VAL A 143 -18.87 0.50 -24.10
CA VAL A 143 -19.95 1.36 -23.56
C VAL A 143 -20.24 0.95 -22.12
N ILE A 144 -20.03 1.86 -21.20
CA ILE A 144 -20.32 1.66 -19.76
C ILE A 144 -21.48 2.57 -19.39
N TYR A 145 -22.50 2.00 -18.75
CA TYR A 145 -23.61 2.76 -18.15
C TYR A 145 -23.41 2.85 -16.63
N MET A 146 -23.68 4.00 -16.06
CA MET A 146 -23.68 4.16 -14.59
C MET A 146 -25.07 3.78 -14.09
N GLY A 147 -25.17 2.56 -13.56
CA GLY A 147 -26.36 2.07 -12.88
C GLY A 147 -26.30 2.43 -11.41
N SER A 148 -26.77 1.52 -10.57
CA SER A 148 -26.90 1.72 -9.12
C SER A 148 -27.21 0.37 -8.50
N VAL A 149 -27.09 0.27 -7.19
CA VAL A 149 -27.82 -0.80 -6.46
C VAL A 149 -29.30 -0.72 -6.81
N HIS A 150 -29.81 0.48 -7.11
CA HIS A 150 -31.19 0.70 -7.53
C HIS A 150 -31.46 0.25 -8.97
N SER A 151 -30.50 -0.41 -9.63
CA SER A 151 -30.74 -1.24 -10.83
C SER A 151 -31.33 -2.60 -10.44
N HIS A 152 -31.15 -3.02 -9.19
CA HIS A 152 -31.39 -4.41 -8.74
C HIS A 152 -32.46 -4.45 -7.64
N GLU A 153 -32.65 -3.39 -6.87
CA GLU A 153 -33.69 -3.35 -5.83
C GLU A 153 -34.19 -1.92 -5.68
N ALA A 154 -35.25 -1.74 -4.91
CA ALA A 154 -35.96 -0.46 -4.76
C ALA A 154 -35.64 0.19 -3.42
N SER A 155 -35.86 1.50 -3.36
CA SER A 155 -36.03 2.26 -2.10
C SER A 155 -37.30 3.11 -2.21
N LEU A 156 -37.88 3.44 -1.06
CA LEU A 156 -39.00 4.38 -0.97
C LEU A 156 -38.68 5.67 -1.73
N PHE A 157 -39.66 6.18 -2.44
CA PHE A 157 -39.76 7.60 -2.90
C PHE A 157 -38.81 7.84 -4.08
N LYS A 158 -38.37 6.78 -4.75
CA LYS A 158 -37.41 6.89 -5.87
C LYS A 158 -37.93 6.17 -7.11
N ALA A 159 -39.24 6.18 -7.35
CA ALA A 159 -39.84 5.40 -8.47
C ALA A 159 -39.11 5.64 -9.79
N PRO A 160 -39.02 6.87 -10.33
CA PRO A 160 -38.44 7.03 -11.66
C PRO A 160 -36.95 6.67 -11.72
N TYR A 161 -36.23 6.95 -10.64
CA TYR A 161 -34.80 6.61 -10.56
C TYR A 161 -34.62 5.08 -10.61
N VAL A 162 -35.33 4.37 -9.74
CA VAL A 162 -35.23 2.88 -9.68
C VAL A 162 -35.69 2.31 -11.03
N THR A 163 -36.77 2.83 -11.60
CA THR A 163 -37.24 2.37 -12.93
C THR A 163 -36.11 2.55 -13.96
N ALA A 164 -35.54 3.74 -14.02
CA ALA A 164 -34.49 4.03 -15.03
C ALA A 164 -33.25 3.15 -14.80
N LYS A 165 -32.81 3.00 -13.56
CA LYS A 165 -31.56 2.26 -13.30
C LYS A 165 -31.78 0.77 -13.60
N HIS A 166 -32.99 0.25 -13.36
CA HIS A 166 -33.36 -1.10 -13.82
C HIS A 166 -33.30 -1.17 -15.36
N GLY A 167 -33.87 -0.18 -16.02
CA GLY A 167 -33.91 -0.14 -17.50
C GLY A 167 -32.54 -0.17 -18.14
N LEU A 168 -31.55 0.49 -17.52
CA LEU A 168 -30.17 0.52 -18.08
C LEU A 168 -29.62 -0.90 -18.17
N LEU A 169 -29.93 -1.80 -17.23
CA LEU A 169 -29.50 -3.22 -17.39
C LEU A 169 -30.01 -3.78 -18.70
N GLY A 170 -31.29 -3.51 -19.02
CA GLY A 170 -31.90 -4.04 -20.25
C GLY A 170 -31.19 -3.50 -21.48
N LEU A 171 -30.97 -2.18 -21.52
CA LEU A 171 -30.29 -1.56 -22.68
C LEU A 171 -28.88 -2.16 -22.85
N CYS A 172 -28.16 -2.32 -21.74
CA CYS A 172 -26.80 -2.89 -21.78
C CYS A 172 -26.85 -4.30 -22.35
N ARG A 173 -27.81 -5.11 -21.91
CA ARG A 173 -27.90 -6.51 -22.31
C ARG A 173 -28.21 -6.62 -23.82
N VAL A 174 -29.07 -5.75 -24.35
CA VAL A 174 -29.34 -5.73 -25.81
C VAL A 174 -28.08 -5.30 -26.56
N LEU A 175 -27.38 -4.26 -26.10
CA LEU A 175 -26.16 -3.80 -26.81
C LEU A 175 -25.13 -4.93 -26.82
N ALA A 176 -25.02 -5.68 -25.74
CA ALA A 176 -24.00 -6.76 -25.72
C ALA A 176 -24.26 -7.69 -26.89
N LYS A 177 -25.53 -8.05 -27.11
CA LYS A 177 -25.90 -8.99 -28.20
C LYS A 177 -25.71 -8.33 -29.57
N GLU A 178 -26.15 -7.09 -29.75
CA GLU A 178 -26.08 -6.45 -31.09
C GLU A 178 -24.63 -6.08 -31.41
N GLY A 179 -23.88 -5.62 -30.41
CA GLY A 179 -22.54 -5.03 -30.62
C GLY A 179 -21.50 -6.08 -30.93
N ALA A 180 -21.72 -7.33 -30.52
CA ALA A 180 -20.66 -8.38 -30.56
C ALA A 180 -20.03 -8.47 -31.96
N VAL A 181 -20.84 -8.46 -33.01
CA VAL A 181 -20.32 -8.68 -34.39
C VAL A 181 -19.46 -7.48 -34.81
N HIS A 182 -19.60 -6.34 -34.13
CA HIS A 182 -18.81 -5.12 -34.41
C HIS A 182 -17.74 -4.85 -33.34
N ASN A 183 -17.42 -5.84 -32.51
CA ASN A 183 -16.39 -5.71 -31.44
C ASN A 183 -16.77 -4.60 -30.46
N VAL A 184 -18.06 -4.43 -30.17
CA VAL A 184 -18.52 -3.49 -29.12
C VAL A 184 -18.96 -4.32 -27.92
N ARG A 185 -18.44 -3.94 -26.75
CA ARG A 185 -18.79 -4.56 -25.45
C ARG A 185 -19.51 -3.53 -24.59
N SER A 186 -20.39 -4.01 -23.72
CA SER A 186 -21.23 -3.15 -22.86
C SER A 186 -21.13 -3.62 -21.40
N HIS A 187 -21.25 -2.69 -20.47
CA HIS A 187 -21.23 -3.01 -19.03
C HIS A 187 -22.10 -2.02 -18.28
N VAL A 188 -22.58 -2.43 -17.12
CA VAL A 188 -23.21 -1.52 -16.14
C VAL A 188 -22.44 -1.58 -14.83
N ILE A 189 -21.99 -0.44 -14.34
CA ILE A 189 -21.44 -0.33 -12.96
C ILE A 189 -22.56 0.09 -12.02
N CYS A 190 -22.68 -0.58 -10.88
CA CYS A 190 -23.81 -0.35 -9.94
C CYS A 190 -23.25 0.05 -8.58
N PRO A 191 -22.99 1.35 -8.34
CA PRO A 191 -22.51 1.77 -7.03
C PRO A 191 -23.62 1.72 -5.98
N GLY A 192 -23.19 1.54 -4.74
CA GLY A 192 -23.98 1.92 -3.55
C GLY A 192 -23.90 3.43 -3.33
N PHE A 193 -24.25 3.91 -2.15
CA PHE A 193 -24.20 5.38 -1.85
C PHE A 193 -22.75 5.86 -1.89
N VAL A 194 -22.53 6.94 -2.65
CA VAL A 194 -21.23 7.65 -2.80
C VAL A 194 -21.46 9.10 -2.34
N LYS A 195 -20.57 9.67 -1.54
CA LYS A 195 -20.73 11.05 -1.01
C LYS A 195 -20.31 12.09 -2.07
N THR A 196 -21.01 12.11 -3.20
CA THR A 196 -20.97 13.21 -4.21
C THR A 196 -21.94 14.29 -3.80
N PRO A 197 -22.00 15.43 -4.53
CA PRO A 197 -23.06 16.42 -4.35
C PRO A 197 -24.49 15.85 -4.47
N LEU A 198 -24.74 14.95 -5.42
CA LEU A 198 -26.05 14.24 -5.59
C LEU A 198 -26.50 13.68 -4.24
N VAL A 199 -25.55 13.06 -3.51
CA VAL A 199 -25.63 12.77 -2.04
C VAL A 199 -24.96 13.94 -1.30
N SER A 216 -27.04 9.21 11.68
CA SER A 216 -28.23 8.32 11.80
C SER A 216 -28.92 8.18 10.44
N VAL A 217 -29.04 9.29 9.70
CA VAL A 217 -29.46 9.29 8.27
C VAL A 217 -28.49 8.38 7.49
N VAL A 218 -27.19 8.53 7.76
CA VAL A 218 -26.10 7.78 7.08
C VAL A 218 -26.18 6.31 7.47
N ASN A 219 -26.15 5.99 8.77
CA ASN A 219 -25.84 4.63 9.30
C ASN A 219 -27.12 3.79 9.40
N ASP A 220 -28.27 4.43 9.66
CA ASP A 220 -29.54 3.74 10.00
C ASP A 220 -30.48 3.76 8.79
N ILE A 221 -30.24 4.61 7.80
CA ILE A 221 -31.05 4.70 6.55
C ILE A 221 -30.18 4.36 5.34
N MET A 222 -29.20 5.19 5.00
CA MET A 222 -28.46 5.11 3.71
C MET A 222 -27.59 3.85 3.69
N LEU A 223 -26.82 3.58 4.74
CA LEU A 223 -25.82 2.45 4.78
C LEU A 223 -26.37 1.25 5.56
N VAL A 224 -27.65 1.25 5.88
CA VAL A 224 -28.27 0.21 6.75
C VAL A 224 -28.05 -1.18 6.14
N ASN A 225 -28.07 -1.31 4.81
CA ASN A 225 -28.01 -2.64 4.15
C ASN A 225 -26.61 -2.93 3.59
N THR A 226 -25.60 -2.11 3.93
CA THR A 226 -24.18 -2.51 3.78
C THR A 226 -23.81 -3.46 4.92
N VAL A 227 -22.78 -4.26 4.71
CA VAL A 227 -22.33 -5.22 5.76
C VAL A 227 -21.40 -4.53 6.75
N ASP A 228 -20.82 -3.39 6.38
CA ASP A 228 -19.67 -2.79 7.10
C ASP A 228 -19.85 -1.28 7.35
N LYS A 229 -21.02 -0.73 7.03
CA LYS A 229 -21.35 0.71 7.27
C LYS A 229 -20.32 1.60 6.61
N GLU A 230 -19.98 1.31 5.35
CA GLU A 230 -19.03 2.11 4.55
C GLU A 230 -19.73 2.66 3.31
N PHE A 231 -19.50 3.93 3.01
CA PHE A 231 -19.81 4.50 1.68
C PHE A 231 -18.93 3.83 0.62
N THR A 232 -19.49 3.74 -0.58
CA THR A 232 -18.72 3.51 -1.81
C THR A 232 -18.00 4.82 -2.15
N THR A 233 -16.83 4.75 -2.75
CA THR A 233 -16.07 5.98 -3.06
C THR A 233 -15.99 6.21 -4.58
N VAL A 234 -15.74 7.47 -4.95
CA VAL A 234 -15.51 7.77 -6.39
C VAL A 234 -14.30 6.99 -6.92
N ASP A 235 -13.26 6.79 -6.10
CA ASP A 235 -12.09 6.01 -6.58
C ASP A 235 -12.47 4.53 -6.78
N ASP A 236 -13.34 3.98 -5.94
CA ASP A 236 -13.80 2.58 -6.15
C ASP A 236 -14.34 2.48 -7.59
N ILE A 237 -15.23 3.42 -7.93
CA ILE A 237 -15.96 3.34 -9.22
C ILE A 237 -15.00 3.66 -10.39
N ALA A 238 -14.10 4.62 -10.21
CA ALA A 238 -13.14 4.96 -11.27
C ALA A 238 -12.16 3.82 -11.52
N GLN A 239 -11.73 3.10 -10.48
CA GLN A 239 -10.85 1.93 -10.68
C GLN A 239 -11.61 0.86 -11.47
N LEU A 240 -12.85 0.58 -11.09
CA LEU A 240 -13.64 -0.44 -11.82
C LEU A 240 -13.82 0.03 -13.28
N ALA A 241 -14.13 1.31 -13.49
CA ALA A 241 -14.34 1.83 -14.86
C ALA A 241 -13.05 1.69 -15.70
N LEU A 242 -11.89 1.86 -15.07
CA LEU A 242 -10.59 1.73 -15.76
C LEU A 242 -10.30 0.25 -16.06
N PHE A 243 -10.51 -0.62 -15.07
CA PHE A 243 -10.34 -2.08 -15.26
C PHE A 243 -11.17 -2.53 -16.47
N LEU A 244 -12.43 -2.10 -16.55
CA LEU A 244 -13.31 -2.51 -17.67
C LEU A 244 -12.82 -1.87 -18.97
N ALA A 245 -12.59 -0.56 -19.00
CA ALA A 245 -12.27 0.12 -20.27
C ALA A 245 -10.97 -0.45 -20.87
N ALA A 246 -9.99 -0.81 -20.04
CA ALA A 246 -8.66 -1.26 -20.51
C ALA A 246 -8.62 -2.79 -20.66
N PHE A 247 -9.70 -3.50 -20.34
CA PHE A 247 -9.60 -4.98 -20.26
C PHE A 247 -9.26 -5.53 -21.65
N PRO A 248 -8.37 -6.53 -21.76
CA PRO A 248 -7.89 -6.92 -23.08
C PRO A 248 -8.83 -7.78 -23.92
N THR A 249 -9.90 -8.29 -23.34
CA THR A 249 -10.88 -9.15 -24.05
C THR A 249 -12.29 -8.66 -23.76
N ASN A 250 -13.26 -9.18 -24.49
CA ASN A 250 -14.69 -8.82 -24.34
C ASN A 250 -15.40 -9.71 -23.31
N VAL A 251 -14.68 -10.34 -22.41
CA VAL A 251 -15.25 -11.37 -21.50
C VAL A 251 -16.37 -10.80 -20.62
N PHE A 252 -16.36 -9.51 -20.26
CA PHE A 252 -17.37 -8.93 -19.33
C PHE A 252 -18.54 -8.30 -20.10
N THR A 253 -18.65 -8.52 -21.40
CA THR A 253 -19.74 -7.87 -22.17
C THR A 253 -21.11 -8.30 -21.61
N GLY A 254 -21.98 -7.32 -21.48
CA GLY A 254 -23.36 -7.52 -21.01
C GLY A 254 -23.49 -7.57 -19.49
N GLN A 255 -22.40 -7.53 -18.74
CA GLN A 255 -22.45 -7.74 -17.27
C GLN A 255 -22.75 -6.45 -16.52
N SER A 256 -23.43 -6.61 -15.38
CA SER A 256 -23.42 -5.58 -14.33
C SER A 256 -22.55 -6.06 -13.18
N ILE A 257 -21.90 -5.11 -12.54
CA ILE A 257 -21.01 -5.36 -11.38
C ILE A 257 -21.43 -4.39 -10.29
N VAL A 258 -21.79 -4.93 -9.13
CA VAL A 258 -22.30 -4.12 -8.00
C VAL A 258 -21.12 -3.82 -7.07
N ALA A 259 -21.00 -2.54 -6.71
CA ALA A 259 -19.87 -2.01 -5.91
C ALA A 259 -20.45 -1.24 -4.73
N SER A 260 -20.89 -1.94 -3.68
CA SER A 260 -21.88 -1.40 -2.72
C SER A 260 -21.60 -1.80 -1.26
N HIS A 261 -20.46 -2.40 -0.96
CA HIS A 261 -20.17 -2.85 0.42
C HIS A 261 -21.27 -3.78 0.92
N GLY A 262 -21.72 -4.68 0.06
CA GLY A 262 -22.61 -5.78 0.43
C GLY A 262 -24.08 -5.42 0.41
N TRP A 263 -24.45 -4.25 -0.10
CA TRP A 263 -25.85 -3.84 -0.30
C TRP A 263 -26.32 -4.36 -1.66
N PHE A 264 -27.09 -5.45 -1.63
CA PHE A 264 -27.52 -6.27 -2.79
C PHE A 264 -26.33 -7.08 -3.32
N MET A 265 -26.31 -8.36 -3.00
CA MET A 265 -25.22 -9.27 -3.40
C MET A 265 -25.63 -10.01 -4.68
N ASN A 266 -25.05 -9.57 -5.80
CA ASN A 266 -25.45 -9.99 -7.16
C ASN A 266 -24.81 -11.33 -7.51
N ALA B 2 -8.12 11.77 -9.27
CA ALA B 2 -7.76 10.72 -10.24
C ALA B 2 -7.15 9.53 -9.51
N THR B 3 -7.28 8.35 -10.09
CA THR B 3 -6.74 7.11 -9.50
C THR B 3 -6.24 6.22 -10.61
N GLN B 4 -5.97 4.97 -10.27
CA GLN B 4 -5.32 3.98 -11.14
C GLN B 4 -5.52 2.61 -10.50
N LEU B 5 -5.18 1.54 -11.20
CA LEU B 5 -5.39 0.18 -10.64
C LEU B 5 -4.35 -0.11 -9.57
N GLN B 6 -4.77 -0.82 -8.54
CA GLN B 6 -3.89 -1.46 -7.52
C GLN B 6 -3.60 -2.88 -7.98
N GLN B 7 -2.33 -3.28 -8.07
CA GLN B 7 -1.85 -4.56 -8.61
CA GLN B 7 -2.12 -4.72 -8.35
C GLN B 7 -0.88 -5.23 -7.61
N ASP B 8 -0.46 -4.53 -6.56
CA ASP B 8 0.65 -5.01 -5.71
C ASP B 8 0.11 -5.96 -4.62
N LEU B 9 0.67 -7.16 -4.54
CA LEU B 9 0.41 -8.12 -3.44
C LEU B 9 1.68 -8.36 -2.62
N THR B 10 2.67 -7.46 -2.70
CA THR B 10 3.90 -7.58 -1.87
C THR B 10 3.53 -7.74 -0.39
N GLY B 11 4.14 -8.74 0.26
CA GLY B 11 3.95 -9.02 1.69
C GLY B 11 2.77 -9.94 1.95
N LYS B 12 1.91 -10.20 0.96
CA LYS B 12 0.70 -11.01 1.18
C LYS B 12 1.04 -12.49 1.02
N VAL B 13 0.22 -13.31 1.65
CA VAL B 13 0.32 -14.78 1.59
C VAL B 13 -1.02 -15.31 1.11
N ALA B 14 -1.01 -16.06 0.02
CA ALA B 14 -2.23 -16.63 -0.57
C ALA B 14 -2.17 -18.15 -0.51
N LEU B 15 -3.33 -18.78 -0.34
CA LEU B 15 -3.54 -20.23 -0.55
CA LEU B 15 -3.50 -20.23 -0.59
C LEU B 15 -4.48 -20.42 -1.74
N VAL B 16 -4.06 -21.15 -2.75
CA VAL B 16 -4.94 -21.43 -3.93
C VAL B 16 -5.14 -22.94 -4.00
N THR B 17 -6.36 -23.42 -3.81
CA THR B 17 -6.64 -24.86 -3.98
C THR B 17 -6.85 -25.18 -5.46
N GLY B 18 -6.47 -26.39 -5.88
CA GLY B 18 -6.49 -26.80 -7.29
C GLY B 18 -5.45 -26.04 -8.10
N ALA B 19 -4.36 -25.58 -7.50
CA ALA B 19 -3.35 -24.74 -8.17
C ALA B 19 -2.33 -25.57 -8.95
N ALA B 20 -2.52 -26.87 -9.11
CA ALA B 20 -1.59 -27.68 -9.93
C ALA B 20 -1.94 -27.58 -11.41
N SER B 21 -3.09 -27.02 -11.77
CA SER B 21 -3.62 -27.09 -13.15
C SER B 21 -4.46 -25.84 -13.46
N GLY B 22 -4.66 -25.55 -14.74
CA GLY B 22 -5.81 -24.77 -15.21
C GLY B 22 -5.92 -23.39 -14.57
N ILE B 23 -7.14 -23.04 -14.18
CA ILE B 23 -7.46 -21.68 -13.65
C ILE B 23 -6.65 -21.43 -12.38
N GLY B 24 -6.60 -22.42 -11.50
CA GLY B 24 -5.91 -22.25 -10.21
C GLY B 24 -4.43 -22.01 -10.41
N ARG B 25 -3.80 -22.71 -11.36
CA ARG B 25 -2.36 -22.53 -11.62
CA ARG B 25 -2.36 -22.54 -11.65
C ARG B 25 -2.11 -21.10 -12.08
N ASP B 26 -2.92 -20.59 -13.00
CA ASP B 26 -2.67 -19.22 -13.50
C ASP B 26 -2.94 -18.18 -12.39
N ILE B 27 -3.96 -18.40 -11.56
CA ILE B 27 -4.17 -17.46 -10.43
C ILE B 27 -2.93 -17.48 -9.53
N ALA B 28 -2.46 -18.67 -9.17
CA ALA B 28 -1.30 -18.77 -8.24
C ALA B 28 -0.07 -18.10 -8.86
N GLU B 29 0.24 -18.35 -10.12
CA GLU B 29 1.44 -17.79 -10.79
CA GLU B 29 1.47 -17.78 -10.73
C GLU B 29 1.29 -16.27 -10.87
N THR B 30 0.07 -15.81 -11.12
CA THR B 30 -0.23 -14.37 -11.26
C THR B 30 -0.06 -13.68 -9.91
N TYR B 31 -0.58 -14.28 -8.85
CA TYR B 31 -0.41 -13.72 -7.48
C TYR B 31 1.08 -13.65 -7.14
N ALA B 32 1.84 -14.70 -7.42
CA ALA B 32 3.29 -14.72 -7.11
C ALA B 32 4.02 -13.63 -7.90
N LYS B 33 3.65 -13.39 -9.15
CA LYS B 33 4.27 -12.34 -9.98
C LYS B 33 3.97 -10.98 -9.37
N ALA B 34 2.83 -10.82 -8.69
CA ALA B 34 2.41 -9.57 -8.02
C ALA B 34 3.04 -9.45 -6.62
N GLY B 35 3.84 -10.42 -6.19
CA GLY B 35 4.59 -10.31 -4.93
C GLY B 35 4.10 -11.21 -3.81
N ALA B 36 2.97 -11.91 -3.97
CA ALA B 36 2.45 -12.80 -2.90
C ALA B 36 3.33 -14.05 -2.78
N ALA B 37 3.44 -14.56 -1.56
CA ALA B 37 3.92 -15.93 -1.34
C ALA B 37 2.70 -16.85 -1.49
N VAL B 38 2.81 -17.91 -2.26
CA VAL B 38 1.59 -18.70 -2.62
C VAL B 38 1.73 -20.17 -2.20
N GLY B 39 0.75 -20.64 -1.44
CA GLY B 39 0.55 -22.08 -1.18
C GLY B 39 -0.14 -22.71 -2.36
N ILE B 40 0.50 -23.69 -2.98
CA ILE B 40 -0.04 -24.43 -4.15
C ILE B 40 -0.67 -25.70 -3.63
N ALA B 41 -1.95 -25.64 -3.26
CA ALA B 41 -2.66 -26.75 -2.57
C ALA B 41 -3.36 -27.62 -3.60
N ASP B 42 -3.07 -28.91 -3.64
CA ASP B 42 -3.66 -29.80 -4.65
C ASP B 42 -3.54 -31.22 -4.14
N ILE B 43 -4.36 -32.11 -4.68
CA ILE B 43 -4.25 -33.57 -4.42
CA ILE B 43 -4.23 -33.58 -4.44
C ILE B 43 -3.09 -34.13 -5.27
N ASN B 44 -2.74 -33.46 -6.38
CA ASN B 44 -1.61 -33.86 -7.27
C ASN B 44 -0.35 -33.12 -6.82
N LEU B 45 0.42 -33.69 -5.89
CA LEU B 45 1.57 -32.99 -5.28
C LEU B 45 2.66 -32.77 -6.35
N GLU B 46 2.90 -33.73 -7.24
CA GLU B 46 3.94 -33.60 -8.31
C GLU B 46 3.60 -32.40 -9.20
N ALA B 47 2.33 -32.28 -9.63
CA ALA B 47 1.94 -31.16 -10.52
C ALA B 47 1.97 -29.86 -9.70
N ALA B 48 1.65 -29.94 -8.41
CA ALA B 48 1.74 -28.76 -7.50
C ALA B 48 3.19 -28.27 -7.48
N GLN B 49 4.15 -29.18 -7.40
CA GLN B 49 5.58 -28.79 -7.35
C GLN B 49 6.00 -28.19 -8.70
N LYS B 50 5.42 -28.64 -9.82
CA LYS B 50 5.70 -28.03 -11.15
C LYS B 50 5.23 -26.56 -11.14
N THR B 51 4.09 -26.25 -10.51
CA THR B 51 3.63 -24.83 -10.37
C THR B 51 4.66 -24.07 -9.54
N VAL B 52 5.08 -24.64 -8.42
CA VAL B 52 6.11 -24.00 -7.57
C VAL B 52 7.38 -23.74 -8.39
N ASP B 53 7.81 -24.69 -9.22
CA ASP B 53 9.07 -24.53 -10.00
C ASP B 53 8.92 -23.34 -10.95
N ALA B 54 7.77 -23.21 -11.61
CA ALA B 54 7.50 -22.09 -12.54
C ALA B 54 7.56 -20.77 -11.78
N ILE B 55 6.97 -20.73 -10.58
CA ILE B 55 6.93 -19.49 -9.76
C ILE B 55 8.36 -19.11 -9.37
N GLU B 56 9.15 -20.10 -8.95
CA GLU B 56 10.55 -19.86 -8.49
C GLU B 56 11.43 -19.41 -9.67
N ALA B 57 11.21 -20.00 -10.85
CA ALA B 57 11.95 -19.67 -12.08
C ALA B 57 11.71 -18.20 -12.48
N ALA B 58 10.56 -17.63 -12.09
CA ALA B 58 10.16 -16.23 -12.37
C ALA B 58 10.53 -15.31 -11.21
N GLY B 59 11.12 -15.85 -10.15
CA GLY B 59 11.65 -15.04 -9.02
C GLY B 59 10.67 -14.91 -7.87
N GLY B 60 9.64 -15.76 -7.81
CA GLY B 60 8.61 -15.68 -6.76
C GLY B 60 8.79 -16.75 -5.69
N ARG B 61 7.94 -16.71 -4.66
CA ARG B 61 7.95 -17.64 -3.50
C ARG B 61 6.67 -18.48 -3.52
N ALA B 62 6.82 -19.79 -3.39
CA ALA B 62 5.66 -20.69 -3.33
C ALA B 62 6.01 -21.95 -2.56
N LEU B 63 5.00 -22.70 -2.17
CA LEU B 63 5.14 -23.93 -1.37
C LEU B 63 4.11 -24.93 -1.89
N ALA B 64 4.54 -26.14 -2.24
CA ALA B 64 3.61 -27.21 -2.62
C ALA B 64 2.99 -27.81 -1.36
N ILE B 65 1.66 -27.90 -1.32
CA ILE B 65 0.92 -28.41 -0.14
C ILE B 65 -0.01 -29.54 -0.59
N ALA B 66 0.25 -30.78 -0.17
CA ALA B 66 -0.62 -31.92 -0.47
C ALA B 66 -1.92 -31.70 0.30
N MET B 67 -3.03 -31.51 -0.40
CA MET B 67 -4.31 -31.20 0.29
C MET B 67 -5.46 -31.75 -0.52
N ASP B 68 -6.11 -32.79 -0.01
CA ASP B 68 -7.45 -33.23 -0.45
C ASP B 68 -8.47 -32.36 0.29
N VAL B 69 -9.08 -31.41 -0.42
CA VAL B 69 -9.97 -30.41 0.25
C VAL B 69 -11.24 -31.05 0.82
N THR B 70 -11.51 -32.34 0.58
CA THR B 70 -12.66 -33.04 1.21
C THR B 70 -12.33 -33.45 2.64
N SER B 71 -11.06 -33.41 3.04
CA SER B 71 -10.59 -33.89 4.36
C SER B 71 -10.37 -32.70 5.30
N GLU B 72 -11.06 -32.69 6.43
CA GLU B 72 -10.88 -31.65 7.48
C GLU B 72 -9.42 -31.63 7.94
N ALA B 73 -8.85 -32.79 8.25
CA ALA B 73 -7.46 -32.83 8.73
C ALA B 73 -6.50 -32.28 7.66
N ALA B 74 -6.69 -32.67 6.41
CA ALA B 74 -5.75 -32.24 5.34
C ALA B 74 -5.85 -30.73 5.16
N VAL B 75 -7.05 -30.18 5.21
CA VAL B 75 -7.26 -28.71 5.03
C VAL B 75 -6.59 -28.01 6.20
N ASN B 76 -6.94 -28.39 7.42
CA ASN B 76 -6.43 -27.71 8.63
CA ASN B 76 -6.42 -27.67 8.61
C ASN B 76 -4.90 -27.79 8.65
N ASP B 77 -4.35 -28.98 8.37
CA ASP B 77 -2.87 -29.16 8.44
C ASP B 77 -2.22 -28.30 7.36
N GLY B 78 -2.79 -28.23 6.17
CA GLY B 78 -2.17 -27.52 5.04
C GLY B 78 -2.23 -26.02 5.24
N VAL B 79 -3.32 -25.51 5.80
CA VAL B 79 -3.42 -24.06 6.12
C VAL B 79 -2.38 -23.76 7.20
N GLN B 80 -2.23 -24.66 8.17
CA GLN B 80 -1.27 -24.42 9.28
C GLN B 80 0.15 -24.44 8.72
N ARG B 81 0.46 -25.32 7.78
CA ARG B 81 1.79 -25.37 7.15
C ARG B 81 2.08 -24.04 6.43
N LEU B 82 1.11 -23.48 5.72
CA LEU B 82 1.29 -22.18 5.04
C LEU B 82 1.58 -21.07 6.06
N VAL B 83 0.79 -21.02 7.12
CA VAL B 83 0.94 -19.97 8.16
C VAL B 83 2.30 -20.16 8.86
N ASP B 84 2.70 -21.39 9.14
CA ASP B 84 3.98 -21.65 9.83
C ASP B 84 5.13 -21.19 8.93
N THR B 85 5.00 -21.34 7.61
CA THR B 85 6.10 -21.09 6.64
C THR B 85 6.22 -19.60 6.37
N PHE B 86 5.11 -18.94 6.00
CA PHE B 86 5.14 -17.55 5.51
C PHE B 86 4.57 -16.54 6.50
N GLY B 87 3.98 -16.95 7.62
CA GLY B 87 3.69 -16.07 8.76
C GLY B 87 2.22 -15.70 8.90
N GLY B 88 1.37 -16.11 7.96
CA GLY B 88 -0.06 -15.80 8.00
C GLY B 88 -0.75 -16.23 6.73
N ILE B 89 -2.04 -15.92 6.63
CA ILE B 89 -2.80 -16.12 5.38
C ILE B 89 -3.69 -14.91 5.13
N ASP B 90 -3.48 -14.25 4.00
CA ASP B 90 -4.22 -13.02 3.63
C ASP B 90 -5.31 -13.32 2.61
N ILE B 91 -5.08 -14.29 1.73
CA ILE B 91 -5.98 -14.57 0.57
C ILE B 91 -6.20 -16.06 0.50
N LEU B 92 -7.47 -16.48 0.43
CA LEU B 92 -7.83 -17.88 0.07
C LEU B 92 -8.57 -17.87 -1.26
N VAL B 93 -8.14 -18.72 -2.19
CA VAL B 93 -8.90 -18.99 -3.43
C VAL B 93 -9.34 -20.45 -3.38
N SER B 94 -10.60 -20.67 -3.11
CA SER B 94 -11.21 -22.03 -3.06
C SER B 94 -11.63 -22.42 -4.47
N ASN B 95 -10.81 -23.19 -5.17
CA ASN B 95 -10.92 -23.39 -6.63
C ASN B 95 -10.91 -24.87 -7.02
N ALA B 96 -10.37 -25.77 -6.20
CA ALA B 96 -10.34 -27.19 -6.55
C ALA B 96 -11.72 -27.65 -7.03
N GLY B 97 -11.75 -28.46 -8.08
CA GLY B 97 -13.02 -28.96 -8.60
C GLY B 97 -12.82 -30.02 -9.64
N ILE B 98 -13.88 -30.78 -9.85
CA ILE B 98 -14.01 -31.82 -10.90
C ILE B 98 -15.40 -31.67 -11.52
N GLN B 99 -15.58 -32.36 -12.64
CA GLN B 99 -16.88 -32.46 -13.33
C GLN B 99 -17.20 -33.94 -13.49
N ILE B 100 -18.46 -34.31 -13.26
CA ILE B 100 -19.00 -35.67 -13.49
C ILE B 100 -20.34 -35.49 -14.21
N ILE B 101 -20.45 -36.01 -15.42
CA ILE B 101 -21.63 -35.80 -16.30
C ILE B 101 -22.53 -37.04 -16.30
N ASP B 102 -23.78 -36.86 -15.92
CA ASP B 102 -24.82 -37.92 -16.03
C ASP B 102 -26.15 -37.25 -15.74
N PRO B 103 -27.23 -37.68 -16.41
CA PRO B 103 -28.54 -37.21 -16.03
C PRO B 103 -28.89 -37.67 -14.60
N ILE B 104 -29.78 -36.94 -13.94
CA ILE B 104 -30.17 -37.23 -12.54
C ILE B 104 -30.60 -38.69 -12.41
N HIS B 105 -31.43 -39.20 -13.34
CA HIS B 105 -32.05 -40.53 -13.17
C HIS B 105 -31.00 -41.64 -13.29
N LYS B 106 -29.81 -41.35 -13.82
CA LYS B 106 -28.72 -42.36 -13.98
C LYS B 106 -27.56 -42.09 -13.02
N MET B 107 -27.50 -40.93 -12.35
CA MET B 107 -26.29 -40.49 -11.61
CA MET B 107 -26.27 -40.53 -11.63
C MET B 107 -26.13 -41.36 -10.36
N ALA B 108 -24.95 -41.94 -10.16
CA ALA B 108 -24.63 -42.67 -8.92
C ALA B 108 -24.66 -41.70 -7.73
N PHE B 109 -25.31 -42.08 -6.64
CA PHE B 109 -25.29 -41.25 -5.41
C PHE B 109 -23.84 -40.99 -4.99
N GLU B 110 -22.95 -41.97 -5.12
CA GLU B 110 -21.53 -41.75 -4.75
C GLU B 110 -20.98 -40.54 -5.50
N ASP B 111 -21.33 -40.39 -6.78
CA ASP B 111 -20.79 -39.29 -7.62
C ASP B 111 -21.40 -37.95 -7.16
N TRP B 112 -22.70 -37.93 -6.88
CA TRP B 112 -23.36 -36.73 -6.28
C TRP B 112 -22.60 -36.29 -5.04
N LYS B 113 -22.34 -37.22 -4.11
CA LYS B 113 -21.70 -36.86 -2.83
C LYS B 113 -20.26 -36.41 -3.08
N LYS B 114 -19.52 -37.07 -3.97
CA LYS B 114 -18.11 -36.67 -4.20
CA LYS B 114 -18.10 -36.68 -4.22
C LYS B 114 -18.07 -35.24 -4.74
N MET B 115 -18.98 -34.89 -5.62
CA MET B 115 -19.05 -33.54 -6.22
CA MET B 115 -19.04 -33.54 -6.21
C MET B 115 -19.32 -32.51 -5.12
N LEU B 116 -20.28 -32.77 -4.26
CA LEU B 116 -20.59 -31.78 -3.20
C LEU B 116 -19.42 -31.73 -2.22
N ALA B 117 -18.78 -32.86 -1.93
CA ALA B 117 -17.66 -32.86 -0.97
C ALA B 117 -16.54 -31.96 -1.50
N ILE B 118 -16.17 -32.09 -2.77
CA ILE B 118 -15.03 -31.31 -3.30
C ILE B 118 -15.41 -29.84 -3.37
N HIS B 119 -16.55 -29.52 -3.97
CA HIS B 119 -16.90 -28.11 -4.26
C HIS B 119 -17.38 -27.43 -2.98
N LEU B 120 -18.28 -28.07 -2.22
CA LEU B 120 -18.93 -27.41 -1.05
C LEU B 120 -18.18 -27.72 0.25
N ASP B 121 -17.93 -28.98 0.59
CA ASP B 121 -17.16 -29.21 1.84
C ASP B 121 -15.79 -28.55 1.72
N GLY B 122 -15.12 -28.61 0.55
CA GLY B 122 -13.80 -27.98 0.41
C GLY B 122 -13.91 -26.48 0.68
N ALA B 123 -14.94 -25.84 0.15
CA ALA B 123 -15.13 -24.40 0.37
C ALA B 123 -15.35 -24.12 1.86
N PHE B 124 -16.21 -24.87 2.53
CA PHE B 124 -16.45 -24.66 3.97
C PHE B 124 -15.14 -24.86 4.74
N LEU B 125 -14.49 -26.00 4.55
CA LEU B 125 -13.33 -26.37 5.41
C LEU B 125 -12.22 -25.32 5.22
N THR B 126 -11.90 -24.96 3.99
CA THR B 126 -10.80 -23.99 3.72
C THR B 126 -11.19 -22.62 4.25
N THR B 127 -12.44 -22.22 4.08
CA THR B 127 -12.91 -20.92 4.59
C THR B 127 -12.75 -20.89 6.12
N LYS B 128 -13.29 -21.89 6.81
CA LYS B 128 -13.25 -21.92 8.28
C LYS B 128 -11.79 -21.89 8.75
N ALA B 129 -10.93 -22.70 8.16
CA ALA B 129 -9.51 -22.74 8.60
C ALA B 129 -8.85 -21.39 8.34
N ALA B 130 -9.09 -20.77 7.20
CA ALA B 130 -8.45 -19.49 6.85
C ALA B 130 -8.95 -18.37 7.77
N ILE B 131 -10.25 -18.29 8.04
CA ILE B 131 -10.77 -17.12 8.80
C ILE B 131 -10.40 -17.26 10.27
N GLN B 132 -10.10 -18.45 10.78
CA GLN B 132 -9.64 -18.47 12.19
CA GLN B 132 -9.50 -18.62 12.15
C GLN B 132 -8.34 -17.66 12.28
N HIS B 133 -7.51 -17.63 11.22
CA HIS B 133 -6.28 -16.79 11.20
C HIS B 133 -6.66 -15.35 10.89
N MET B 134 -7.47 -15.12 9.85
CA MET B 134 -7.77 -13.75 9.37
C MET B 134 -8.50 -12.97 10.48
N TYR B 135 -9.32 -13.61 11.30
CA TYR B 135 -10.12 -12.93 12.35
C TYR B 135 -9.21 -12.46 13.49
N LYS B 136 -8.04 -13.06 13.68
CA LYS B 136 -7.11 -12.68 14.78
C LYS B 136 -6.73 -11.21 14.65
N ASP B 137 -7.01 -10.40 15.70
CA ASP B 137 -6.72 -8.94 15.75
C ASP B 137 -7.43 -8.22 14.61
N ASP B 138 -8.48 -8.83 14.03
CA ASP B 138 -9.25 -8.21 12.92
C ASP B 138 -8.28 -7.81 11.80
N LYS B 139 -7.24 -8.63 11.57
CA LYS B 139 -6.26 -8.39 10.48
C LYS B 139 -6.99 -8.43 9.13
N GLY B 140 -7.85 -9.44 8.96
CA GLY B 140 -8.73 -9.54 7.79
C GLY B 140 -8.07 -10.27 6.65
N GLY B 141 -8.76 -10.23 5.52
CA GLY B 141 -8.30 -10.96 4.34
C GLY B 141 -9.42 -11.12 3.32
N THR B 142 -9.09 -11.84 2.27
CA THR B 142 -9.92 -12.00 1.06
C THR B 142 -10.18 -13.49 0.83
N VAL B 143 -11.45 -13.86 0.66
CA VAL B 143 -11.82 -15.24 0.28
C VAL B 143 -12.53 -15.15 -1.07
N ILE B 144 -11.95 -15.83 -2.06
CA ILE B 144 -12.56 -15.94 -3.41
C ILE B 144 -12.95 -17.38 -3.68
N TYR B 145 -14.20 -17.63 -4.05
CA TYR B 145 -14.69 -18.95 -4.48
C TYR B 145 -14.71 -18.97 -6.01
N MET B 146 -14.33 -20.11 -6.59
CA MET B 146 -14.48 -20.32 -8.04
C MET B 146 -15.86 -20.90 -8.29
N GLY B 147 -16.78 -20.02 -8.68
CA GLY B 147 -18.11 -20.41 -9.18
C GLY B 147 -18.06 -20.66 -10.66
N SER B 148 -19.16 -20.36 -11.34
CA SER B 148 -19.35 -20.68 -12.77
C SER B 148 -20.53 -19.83 -13.26
N VAL B 149 -20.73 -19.73 -14.56
CA VAL B 149 -22.08 -19.44 -15.10
C VAL B 149 -23.09 -20.40 -14.49
N HIS B 150 -22.65 -21.63 -14.18
CA HIS B 150 -23.49 -22.66 -13.54
C HIS B 150 -23.75 -22.38 -12.06
N SER B 151 -23.31 -21.23 -11.52
CA SER B 151 -23.82 -20.65 -10.24
C SER B 151 -25.17 -19.99 -10.44
N HIS B 152 -25.51 -19.66 -11.68
CA HIS B 152 -26.63 -18.72 -11.99
C HIS B 152 -27.65 -19.40 -12.91
N GLU B 153 -27.28 -20.41 -13.69
CA GLU B 153 -28.24 -21.16 -14.54
C GLU B 153 -27.74 -22.60 -14.69
N ALA B 154 -28.56 -23.45 -15.28
CA ALA B 154 -28.30 -24.90 -15.40
C ALA B 154 -27.86 -25.26 -16.82
N SER B 155 -27.22 -26.41 -16.93
CA SER B 155 -27.08 -27.20 -18.18
C SER B 155 -27.54 -28.63 -17.90
N LEU B 156 -27.94 -29.32 -18.95
CA LEU B 156 -28.23 -30.78 -18.92
C LEU B 156 -27.06 -31.53 -18.30
N PHE B 157 -27.36 -32.53 -17.49
CA PHE B 157 -26.46 -33.65 -17.13
C PHE B 157 -25.40 -33.20 -16.12
N LYS B 158 -25.61 -32.05 -15.45
CA LYS B 158 -24.62 -31.51 -14.51
C LYS B 158 -25.29 -31.17 -13.17
N ALA B 159 -26.25 -31.95 -12.72
CA ALA B 159 -27.00 -31.65 -11.48
C ALA B 159 -26.04 -31.33 -10.32
N PRO B 160 -25.12 -32.21 -9.87
CA PRO B 160 -24.39 -31.88 -8.65
C PRO B 160 -23.48 -30.66 -8.84
N TYR B 161 -22.90 -30.50 -10.02
CA TYR B 161 -22.03 -29.35 -10.31
C TYR B 161 -22.82 -28.05 -10.21
N VAL B 162 -23.97 -27.99 -10.87
CA VAL B 162 -24.82 -26.78 -10.85
C VAL B 162 -25.31 -26.52 -9.42
N THR B 163 -25.69 -27.56 -8.71
CA THR B 163 -26.11 -27.43 -7.30
C THR B 163 -24.97 -26.81 -6.51
N ALA B 164 -23.77 -27.36 -6.63
CA ALA B 164 -22.61 -26.89 -5.84
C ALA B 164 -22.30 -25.43 -6.20
N LYS B 165 -22.24 -25.09 -7.50
CA LYS B 165 -21.81 -23.75 -7.90
C LYS B 165 -22.86 -22.72 -7.47
N HIS B 166 -24.14 -23.08 -7.48
CA HIS B 166 -25.19 -22.21 -6.88
C HIS B 166 -24.91 -22.08 -5.37
N GLY B 167 -24.62 -23.17 -4.70
CA GLY B 167 -24.36 -23.17 -3.25
C GLY B 167 -23.24 -22.22 -2.87
N LEU B 168 -22.18 -22.14 -3.67
CA LEU B 168 -21.03 -21.26 -3.35
C LEU B 168 -21.47 -19.80 -3.29
N LEU B 169 -22.45 -19.38 -4.10
CA LEU B 169 -22.96 -18.00 -3.92
C LEU B 169 -23.47 -17.83 -2.49
N GLY B 170 -24.25 -18.79 -2.01
CA GLY B 170 -24.84 -18.69 -0.66
C GLY B 170 -23.75 -18.58 0.40
N LEU B 171 -22.74 -19.43 0.31
CA LEU B 171 -21.66 -19.43 1.33
C LEU B 171 -20.95 -18.07 1.29
N CYS B 172 -20.67 -17.57 0.08
CA CYS B 172 -19.99 -16.27 -0.07
C CYS B 172 -20.83 -15.16 0.57
N ARG B 173 -22.12 -15.19 0.35
CA ARG B 173 -23.03 -14.12 0.84
C ARG B 173 -23.06 -14.15 2.37
N VAL B 174 -23.07 -15.33 2.98
CA VAL B 174 -23.02 -15.43 4.46
C VAL B 174 -21.67 -14.91 4.96
N LEU B 175 -20.58 -15.32 4.35
CA LEU B 175 -19.24 -14.86 4.81
C LEU B 175 -19.14 -13.35 4.69
N ALA B 176 -19.73 -12.73 3.69
CA ALA B 176 -19.61 -11.27 3.55
C ALA B 176 -20.24 -10.61 4.77
N LYS B 177 -21.36 -11.13 5.25
CA LYS B 177 -22.04 -10.57 6.43
C LYS B 177 -21.23 -10.88 7.69
N GLU B 178 -20.80 -12.12 7.88
CA GLU B 178 -20.11 -12.53 9.14
C GLU B 178 -18.72 -11.89 9.21
N GLY B 179 -18.02 -11.80 8.08
CA GLY B 179 -16.60 -11.41 8.06
C GLY B 179 -16.41 -9.91 8.20
N ALA B 180 -17.44 -9.11 7.95
CA ALA B 180 -17.28 -7.66 7.89
C ALA B 180 -16.62 -7.10 9.16
N VAL B 181 -17.07 -7.52 10.33
CA VAL B 181 -16.57 -6.92 11.60
C VAL B 181 -15.09 -7.30 11.77
N HIS B 182 -14.60 -8.30 11.06
CA HIS B 182 -13.18 -8.76 11.15
C HIS B 182 -12.36 -8.38 9.92
N ASN B 183 -12.87 -7.50 9.05
CA ASN B 183 -12.16 -7.05 7.84
C ASN B 183 -11.92 -8.21 6.86
N VAL B 184 -12.86 -9.15 6.80
CA VAL B 184 -12.83 -10.22 5.78
C VAL B 184 -13.89 -9.93 4.72
N ARG B 185 -13.44 -9.97 3.47
CA ARG B 185 -14.30 -9.80 2.28
C ARG B 185 -14.36 -11.09 1.48
N SER B 186 -15.48 -11.32 0.82
CA SER B 186 -15.73 -12.56 0.05
C SER B 186 -16.20 -12.21 -1.36
N HIS B 187 -15.85 -13.05 -2.32
CA HIS B 187 -16.30 -12.88 -3.71
C HIS B 187 -16.47 -14.25 -4.36
N VAL B 188 -17.27 -14.29 -5.41
CA VAL B 188 -17.33 -15.47 -6.31
C VAL B 188 -17.01 -14.99 -7.72
N ILE B 189 -16.06 -15.66 -8.36
CA ILE B 189 -15.78 -15.47 -9.80
C ILE B 189 -16.55 -16.54 -10.55
N CYS B 190 -17.23 -16.16 -11.62
CA CYS B 190 -18.09 -17.10 -12.37
C CYS B 190 -17.68 -17.16 -13.83
N PRO B 191 -16.70 -18.01 -14.19
CA PRO B 191 -16.29 -18.13 -15.58
C PRO B 191 -17.36 -18.84 -16.42
N GLY B 192 -17.37 -18.52 -17.72
CA GLY B 192 -17.90 -19.42 -18.75
C GLY B 192 -16.91 -20.53 -19.06
N PHE B 193 -17.09 -21.26 -20.16
CA PHE B 193 -16.14 -22.33 -20.52
C PHE B 193 -14.74 -21.75 -20.74
N VAL B 194 -13.78 -22.46 -20.16
CA VAL B 194 -12.33 -22.17 -20.27
C VAL B 194 -11.68 -23.48 -20.73
N LYS B 195 -10.78 -23.41 -21.71
CA LYS B 195 -10.14 -24.64 -22.27
C LYS B 195 -8.98 -25.07 -21.37
N THR B 196 -9.30 -25.49 -20.14
CA THR B 196 -8.40 -26.25 -19.22
C THR B 196 -8.52 -27.73 -19.55
N PRO B 197 -7.82 -28.63 -18.83
CA PRO B 197 -8.08 -30.07 -18.94
C PRO B 197 -9.49 -30.55 -18.53
N LEU B 198 -10.15 -29.87 -17.59
CA LEU B 198 -11.56 -30.16 -17.17
C LEU B 198 -12.46 -30.12 -18.42
N VAL B 199 -12.13 -29.24 -19.36
CA VAL B 199 -12.98 -28.99 -20.55
C VAL B 199 -12.40 -29.73 -21.76
N GLU B 200 -11.08 -29.73 -21.94
CA GLU B 200 -10.40 -30.44 -23.05
CA GLU B 200 -10.41 -30.44 -23.06
C GLU B 200 -10.86 -31.90 -23.05
N LYS B 201 -10.79 -32.54 -21.88
CA LYS B 201 -11.24 -33.96 -21.69
C LYS B 201 -12.68 -34.08 -22.18
N GLN B 202 -13.45 -33.00 -21.98
CA GLN B 202 -14.93 -33.01 -22.10
C GLN B 202 -15.33 -32.96 -23.58
N ILE B 203 -14.51 -32.35 -24.44
CA ILE B 203 -14.93 -32.03 -25.84
C ILE B 203 -15.05 -33.32 -26.67
N PRO B 204 -14.03 -34.20 -26.71
CA PRO B 204 -14.19 -35.53 -27.30
C PRO B 204 -14.87 -36.51 -26.33
N VAL B 217 -19.73 -29.53 -30.60
CA VAL B 217 -19.71 -29.45 -29.11
C VAL B 217 -19.29 -28.03 -28.70
N VAL B 218 -18.28 -27.44 -29.35
CA VAL B 218 -17.75 -26.10 -28.94
C VAL B 218 -18.76 -25.01 -29.33
N ASN B 219 -19.20 -24.98 -30.60
CA ASN B 219 -19.93 -23.82 -31.17
C ASN B 219 -21.42 -23.90 -30.80
N ASP B 220 -21.98 -25.11 -30.71
CA ASP B 220 -23.46 -25.31 -30.68
C ASP B 220 -23.89 -25.86 -29.31
N ILE B 221 -22.94 -26.28 -28.46
CA ILE B 221 -23.20 -26.58 -27.02
C ILE B 221 -22.46 -25.57 -26.15
N MET B 222 -21.13 -25.59 -26.10
CA MET B 222 -20.37 -24.91 -25.02
C MET B 222 -20.53 -23.40 -25.17
N LEU B 223 -20.39 -22.87 -26.38
CA LEU B 223 -20.33 -21.41 -26.63
C LEU B 223 -21.64 -20.88 -27.24
N VAL B 224 -22.69 -21.70 -27.26
CA VAL B 224 -23.94 -21.36 -28.00
C VAL B 224 -24.59 -20.11 -27.39
N ASN B 225 -24.43 -19.88 -26.08
CA ASN B 225 -25.12 -18.74 -25.42
C ASN B 225 -24.14 -17.60 -25.13
N THR B 226 -22.91 -17.65 -25.66
CA THR B 226 -22.03 -16.45 -25.70
C THR B 226 -22.52 -15.56 -26.83
N VAL B 227 -22.25 -14.28 -26.77
CA VAL B 227 -22.65 -13.31 -27.83
C VAL B 227 -21.66 -13.34 -28.99
N ASP B 228 -20.46 -13.88 -28.79
CA ASP B 228 -19.33 -13.70 -29.73
C ASP B 228 -18.60 -15.02 -30.03
N LYS B 229 -19.09 -16.15 -29.54
CA LYS B 229 -18.49 -17.49 -29.80
C LYS B 229 -17.03 -17.50 -29.36
N GLU B 230 -16.74 -16.96 -28.17
CA GLU B 230 -15.39 -16.97 -27.58
C GLU B 230 -15.37 -17.75 -26.27
N PHE B 231 -14.38 -18.61 -26.09
CA PHE B 231 -14.02 -19.13 -24.75
C PHE B 231 -13.57 -17.99 -23.84
N THR B 232 -13.87 -18.14 -22.55
CA THR B 232 -13.18 -17.42 -21.48
C THR B 232 -11.78 -17.99 -21.40
N THR B 233 -10.80 -17.19 -20.97
CA THR B 233 -9.41 -17.70 -20.87
C THR B 233 -8.93 -17.73 -19.41
N VAL B 234 -7.90 -18.53 -19.16
CA VAL B 234 -7.30 -18.56 -17.80
C VAL B 234 -6.79 -17.16 -17.46
N ASP B 235 -6.25 -16.39 -18.40
CA ASP B 235 -5.74 -15.04 -18.08
C ASP B 235 -6.90 -14.09 -17.75
N ASP B 236 -8.06 -14.24 -18.40
CA ASP B 236 -9.25 -13.43 -18.01
C ASP B 236 -9.51 -13.61 -16.51
N ILE B 237 -9.54 -14.86 -16.07
CA ILE B 237 -9.92 -15.18 -14.67
C ILE B 237 -8.79 -14.77 -13.73
N ALA B 238 -7.53 -14.97 -14.12
CA ALA B 238 -6.42 -14.58 -13.22
C ALA B 238 -6.33 -13.05 -13.09
N GLN B 239 -6.63 -12.31 -14.15
CA GLN B 239 -6.65 -10.84 -14.05
C GLN B 239 -7.78 -10.41 -13.11
N LEU B 240 -8.97 -10.98 -13.25
CA LEU B 240 -10.08 -10.66 -12.33
C LEU B 240 -9.70 -11.04 -10.89
N ALA B 241 -9.07 -12.19 -10.68
CA ALA B 241 -8.68 -12.65 -9.35
C ALA B 241 -7.66 -11.68 -8.73
N LEU B 242 -6.74 -11.14 -9.54
CA LEU B 242 -5.72 -10.18 -9.06
C LEU B 242 -6.40 -8.84 -8.77
N PHE B 243 -7.27 -8.36 -9.65
CA PHE B 243 -8.03 -7.11 -9.41
C PHE B 243 -8.74 -7.17 -8.06
N LEU B 244 -9.42 -8.28 -7.78
CA LEU B 244 -10.16 -8.43 -6.50
C LEU B 244 -9.18 -8.54 -5.33
N ALA B 245 -8.20 -9.44 -5.39
CA ALA B 245 -7.31 -9.64 -4.23
C ALA B 245 -6.52 -8.38 -3.87
N ALA B 246 -6.16 -7.55 -4.86
CA ALA B 246 -5.35 -6.33 -4.62
C ALA B 246 -6.24 -5.12 -4.38
N PHE B 247 -7.56 -5.26 -4.46
CA PHE B 247 -8.44 -4.07 -4.41
C PHE B 247 -8.27 -3.36 -3.07
N PRO B 248 -8.21 -2.01 -3.04
CA PRO B 248 -7.85 -1.35 -1.79
C PRO B 248 -8.96 -1.20 -0.75
N THR B 249 -10.22 -1.46 -1.10
CA THR B 249 -11.38 -1.37 -0.18
C THR B 249 -12.19 -2.66 -0.26
N ASN B 250 -13.15 -2.80 0.64
CA ASN B 250 -14.01 -4.00 0.72
C ASN B 250 -15.28 -3.79 -0.12
N VAL B 251 -15.28 -2.90 -1.10
CA VAL B 251 -16.51 -2.51 -1.83
C VAL B 251 -17.17 -3.71 -2.54
N PHE B 252 -16.42 -4.73 -2.97
CA PHE B 252 -16.99 -5.86 -3.73
C PHE B 252 -17.37 -7.04 -2.83
N THR B 253 -17.32 -6.87 -1.52
CA THR B 253 -17.64 -8.00 -0.60
C THR B 253 -19.05 -8.54 -0.91
N GLY B 254 -19.16 -9.87 -0.92
CA GLY B 254 -20.42 -10.58 -1.15
C GLY B 254 -20.79 -10.71 -2.61
N GLN B 255 -20.04 -10.10 -3.54
CA GLN B 255 -20.46 -10.06 -4.96
C GLN B 255 -19.99 -11.29 -5.73
N SER B 256 -20.78 -11.67 -6.72
CA SER B 256 -20.32 -12.53 -7.83
C SER B 256 -20.15 -11.68 -9.09
N ILE B 257 -19.14 -12.02 -9.87
CA ILE B 257 -18.85 -11.36 -11.16
C ILE B 257 -18.72 -12.43 -12.24
N VAL B 258 -19.55 -12.32 -13.26
CA VAL B 258 -19.63 -13.34 -14.35
C VAL B 258 -18.71 -12.90 -15.48
N ALA B 259 -17.87 -13.83 -15.92
CA ALA B 259 -16.83 -13.59 -16.93
C ALA B 259 -17.01 -14.64 -18.04
N SER B 260 -17.94 -14.42 -18.96
CA SER B 260 -18.50 -15.52 -19.79
C SER B 260 -18.76 -15.11 -21.23
N HIS B 261 -18.31 -13.93 -21.68
CA HIS B 261 -18.61 -13.48 -23.06
C HIS B 261 -20.14 -13.47 -23.30
N GLY B 262 -20.88 -13.05 -22.31
CA GLY B 262 -22.31 -12.74 -22.45
C GLY B 262 -23.21 -13.94 -22.23
N TRP B 263 -22.68 -15.06 -21.76
CA TRP B 263 -23.49 -16.21 -21.35
C TRP B 263 -23.93 -16.00 -19.90
N PHE B 264 -25.21 -15.66 -19.70
CA PHE B 264 -25.84 -15.21 -18.43
C PHE B 264 -25.33 -13.82 -18.10
N MET B 265 -26.18 -12.83 -18.32
CA MET B 265 -25.86 -11.41 -18.07
C MET B 265 -26.41 -11.00 -16.70
N ASN B 266 -25.52 -10.93 -15.72
CA ASN B 266 -25.85 -10.78 -14.28
C ASN B 266 -26.09 -9.30 -13.94
N ALA C 2 7.18 -12.63 8.04
CA ALA C 2 8.28 -11.85 7.43
C ALA C 2 7.68 -10.62 6.74
N THR C 3 8.52 -9.63 6.47
CA THR C 3 8.11 -8.39 5.76
C THR C 3 9.24 -7.92 4.84
N GLN C 4 9.08 -6.70 4.32
CA GLN C 4 9.93 -6.12 3.28
C GLN C 4 9.66 -4.61 3.26
N LEU C 5 10.48 -3.86 2.55
CA LEU C 5 10.28 -2.40 2.51
C LEU C 5 9.12 -2.04 1.59
N GLN C 6 8.37 -1.03 1.99
CA GLN C 6 7.37 -0.34 1.14
C GLN C 6 8.03 0.87 0.46
N GLN C 7 7.96 1.00 -0.85
CA GLN C 7 8.43 2.26 -1.49
C GLN C 7 7.53 2.65 -2.65
N ASP C 8 6.30 2.16 -2.70
CA ASP C 8 5.33 2.56 -3.74
C ASP C 8 4.61 3.83 -3.29
N LEU C 9 4.65 4.87 -4.12
CA LEU C 9 3.84 6.10 -3.91
C LEU C 9 2.84 6.29 -5.06
N THR C 10 2.48 5.22 -5.76
CA THR C 10 1.44 5.28 -6.81
C THR C 10 0.16 5.89 -6.24
N GLY C 11 -0.41 6.85 -6.97
CA GLY C 11 -1.68 7.49 -6.58
C GLY C 11 -1.47 8.60 -5.57
N LYS C 12 -0.26 8.81 -5.06
CA LYS C 12 -0.03 9.88 -4.06
C LYS C 12 0.33 11.18 -4.77
N VAL C 13 0.06 12.28 -4.10
CA VAL C 13 0.41 13.65 -4.58
C VAL C 13 1.30 14.28 -3.51
N ALA C 14 2.46 14.75 -3.92
CA ALA C 14 3.44 15.38 -3.00
C ALA C 14 3.67 16.82 -3.42
N LEU C 15 3.91 17.68 -2.45
CA LEU C 15 4.43 19.05 -2.66
C LEU C 15 5.79 19.14 -1.98
N VAL C 16 6.82 19.50 -2.74
CA VAL C 16 8.19 19.67 -2.20
C VAL C 16 8.59 21.13 -2.39
N THR C 17 8.80 21.87 -1.30
CA THR C 17 9.30 23.24 -1.44
C THR C 17 10.82 23.26 -1.57
N GLY C 18 11.33 24.23 -2.29
CA GLY C 18 12.77 24.31 -2.61
C GLY C 18 13.20 23.21 -3.58
N ALA C 19 12.31 22.71 -4.44
CA ALA C 19 12.59 21.53 -5.30
C ALA C 19 13.24 21.92 -6.63
N ALA C 20 13.64 23.17 -6.85
CA ALA C 20 14.44 23.51 -8.05
C ALA C 20 15.88 23.01 -7.94
N SER C 21 16.36 22.70 -6.74
CA SER C 21 17.81 22.51 -6.49
C SER C 21 18.03 21.46 -5.40
N GLY C 22 19.21 20.85 -5.39
CA GLY C 22 19.76 20.25 -4.17
C GLY C 22 18.88 19.15 -3.61
N ILE C 23 18.77 19.15 -2.28
CA ILE C 23 18.07 18.06 -1.55
C ILE C 23 16.63 17.94 -2.06
N GLY C 24 15.94 19.07 -2.17
CA GLY C 24 14.53 19.06 -2.58
C GLY C 24 14.36 18.48 -3.97
N ARG C 25 15.27 18.82 -4.88
CA ARG C 25 15.19 18.31 -6.27
CA ARG C 25 15.23 18.32 -6.28
C ARG C 25 15.29 16.78 -6.24
N ASP C 26 16.22 16.22 -5.46
CA ASP C 26 16.39 14.75 -5.44
C ASP C 26 15.16 14.12 -4.77
N ILE C 27 14.64 14.71 -3.71
CA ILE C 27 13.42 14.16 -3.06
C ILE C 27 12.30 14.15 -4.09
N ALA C 28 12.09 15.26 -4.79
CA ALA C 28 11.01 15.34 -5.79
C ALA C 28 11.18 14.28 -6.89
N GLU C 29 12.36 14.17 -7.46
CA GLU C 29 12.60 13.21 -8.57
C GLU C 29 12.40 11.78 -8.05
N THR C 30 12.85 11.51 -6.82
CA THR C 30 12.74 10.17 -6.19
C THR C 30 11.27 9.84 -5.92
N TYR C 31 10.50 10.78 -5.42
CA TYR C 31 9.05 10.57 -5.21
C TYR C 31 8.36 10.27 -6.55
N ALA C 32 8.69 11.03 -7.60
CA ALA C 32 8.05 10.83 -8.92
C ALA C 32 8.41 9.45 -9.46
N LYS C 33 9.65 9.01 -9.27
CA LYS C 33 10.09 7.69 -9.76
C LYS C 33 9.28 6.61 -9.03
N ALA C 34 8.87 6.85 -7.78
CA ALA C 34 8.07 5.92 -6.97
C ALA C 34 6.57 6.01 -7.30
N GLY C 35 6.16 6.90 -8.19
CA GLY C 35 4.78 6.94 -8.72
C GLY C 35 4.00 8.17 -8.27
N ALA C 36 4.57 9.03 -7.42
CA ALA C 36 3.84 10.21 -6.95
C ALA C 36 3.78 11.26 -8.07
N ALA C 37 2.69 12.01 -8.09
CA ALA C 37 2.61 13.29 -8.83
C ALA C 37 3.22 14.36 -7.92
N VAL C 38 4.15 15.16 -8.42
CA VAL C 38 4.92 16.05 -7.53
C VAL C 38 4.73 17.52 -7.95
N GLY C 39 4.31 18.35 -7.00
CA GLY C 39 4.38 19.81 -7.08
C GLY C 39 5.79 20.29 -6.76
N ILE C 40 6.43 20.97 -7.71
CA ILE C 40 7.80 21.51 -7.54
C ILE C 40 7.65 22.98 -7.20
N ALA C 41 7.70 23.31 -5.92
CA ALA C 41 7.49 24.69 -5.46
C ALA C 41 8.85 25.35 -5.23
N ASP C 42 9.04 26.51 -5.83
CA ASP C 42 10.28 27.28 -5.62
C ASP C 42 9.96 28.74 -5.94
N ILE C 43 10.90 29.64 -5.73
CA ILE C 43 10.65 31.10 -5.95
C ILE C 43 10.25 31.36 -7.41
N ASN C 44 10.98 30.81 -8.37
CA ASN C 44 10.89 31.17 -9.80
CA ASN C 44 10.84 31.19 -9.79
C ASN C 44 10.24 30.02 -10.57
N LEU C 45 9.15 30.28 -11.30
CA LEU C 45 8.45 29.24 -12.09
C LEU C 45 9.45 28.53 -13.01
N GLU C 46 10.30 29.28 -13.71
N GLU C 46 10.34 29.26 -13.67
CA GLU C 46 11.25 28.73 -14.71
CA GLU C 46 11.22 28.66 -14.72
C GLU C 46 12.19 27.72 -14.02
C GLU C 46 12.28 27.77 -14.07
N ALA C 47 12.73 28.08 -12.86
CA ALA C 47 13.66 27.20 -12.11
C ALA C 47 12.93 25.91 -11.69
N ALA C 48 11.72 26.04 -11.19
CA ALA C 48 10.90 24.87 -10.82
C ALA C 48 10.63 23.98 -12.05
N GLN C 49 10.38 24.62 -13.19
CA GLN C 49 10.02 23.87 -14.43
C GLN C 49 11.19 22.97 -14.84
N LYS C 50 12.44 23.34 -14.58
CA LYS C 50 13.58 22.45 -14.96
C LYS C 50 13.51 21.13 -14.19
N THR C 51 13.06 21.14 -12.93
CA THR C 51 12.90 19.85 -12.21
C THR C 51 11.72 19.08 -12.82
N VAL C 52 10.64 19.77 -13.14
CA VAL C 52 9.48 19.13 -13.83
C VAL C 52 9.97 18.46 -15.12
N ASP C 53 10.79 19.15 -15.91
CA ASP C 53 11.29 18.58 -17.19
C ASP C 53 12.04 17.28 -16.93
N ALA C 54 12.87 17.21 -15.90
CA ALA C 54 13.66 16.00 -15.61
C ALA C 54 12.70 14.88 -15.19
N ILE C 55 11.69 15.21 -14.41
CA ILE C 55 10.68 14.20 -13.97
C ILE C 55 9.91 13.67 -15.20
N GLU C 56 9.51 14.56 -16.09
CA GLU C 56 8.73 14.14 -17.29
C GLU C 56 9.63 13.33 -18.22
N ALA C 57 10.92 13.65 -18.33
CA ALA C 57 11.86 12.89 -19.20
C ALA C 57 11.92 11.43 -18.74
N ALA C 58 11.74 11.19 -17.44
CA ALA C 58 11.82 9.85 -16.82
C ALA C 58 10.44 9.20 -16.74
N GLY C 59 9.40 9.82 -17.31
CA GLY C 59 8.06 9.23 -17.43
C GLY C 59 7.15 9.54 -16.24
N GLY C 60 7.51 10.49 -15.40
CA GLY C 60 6.71 10.87 -14.22
C GLY C 60 5.85 12.10 -14.43
N ARG C 61 5.06 12.47 -13.43
CA ARG C 61 4.12 13.61 -13.47
C ARG C 61 4.57 14.66 -12.45
N ALA C 62 4.62 15.91 -12.87
CA ALA C 62 4.98 17.01 -11.96
C ALA C 62 4.41 18.32 -12.47
N LEU C 63 4.42 19.31 -11.60
CA LEU C 63 3.81 20.63 -11.86
C LEU C 63 4.73 21.70 -11.26
N ALA C 64 5.11 22.70 -12.05
CA ALA C 64 5.94 23.82 -11.57
C ALA C 64 5.02 24.80 -10.84
N ILE C 65 5.42 25.22 -9.64
CA ILE C 65 4.60 26.13 -8.79
C ILE C 65 5.51 27.25 -8.31
N ALA C 66 5.22 28.48 -8.69
CA ALA C 66 5.94 29.66 -8.19
C ALA C 66 5.42 29.94 -6.78
N MET C 67 6.25 29.72 -5.77
CA MET C 67 5.82 29.85 -4.37
C MET C 67 7.00 30.35 -3.55
N ASP C 68 6.99 31.62 -3.20
CA ASP C 68 7.83 32.17 -2.12
C ASP C 68 7.18 31.78 -0.79
N VAL C 69 7.79 30.84 -0.06
CA VAL C 69 7.14 30.23 1.13
C VAL C 69 6.97 31.25 2.26
N THR C 70 7.52 32.45 2.14
CA THR C 70 7.29 33.50 3.16
C THR C 70 5.94 34.17 2.97
N SER C 71 5.30 33.98 1.82
CA SER C 71 4.03 34.65 1.45
C SER C 71 2.84 33.74 1.72
N GLU C 72 1.94 34.16 2.62
CA GLU C 72 0.72 33.40 2.93
C GLU C 72 -0.10 33.18 1.66
N ALA C 73 -0.32 34.23 0.87
CA ALA C 73 -1.15 34.11 -0.33
C ALA C 73 -0.47 33.17 -1.34
N ALA C 74 0.83 33.29 -1.56
CA ALA C 74 1.52 32.43 -2.55
C ALA C 74 1.44 30.97 -2.09
N VAL C 75 1.63 30.71 -0.81
CA VAL C 75 1.57 29.32 -0.29
C VAL C 75 0.15 28.80 -0.50
N ASN C 76 -0.86 29.55 -0.06
CA ASN C 76 -2.26 29.06 -0.17
C ASN C 76 -2.59 28.82 -1.65
N ASP C 77 -2.24 29.75 -2.54
CA ASP C 77 -2.59 29.63 -3.98
C ASP C 77 -1.88 28.40 -4.57
N GLY C 78 -0.62 28.18 -4.22
CA GLY C 78 0.17 27.07 -4.79
C GLY C 78 -0.32 25.73 -4.33
N VAL C 79 -0.65 25.59 -3.05
CA VAL C 79 -1.26 24.34 -2.53
C VAL C 79 -2.60 24.10 -3.23
N GLN C 80 -3.40 25.14 -3.41
CA GLN C 80 -4.71 24.96 -4.09
C GLN C 80 -4.48 24.54 -5.56
N ARG C 81 -3.49 25.11 -6.24
CA ARG C 81 -3.16 24.75 -7.65
CA ARG C 81 -3.22 24.73 -7.65
C ARG C 81 -2.84 23.26 -7.71
N LEU C 82 -2.02 22.77 -6.78
CA LEU C 82 -1.65 21.33 -6.77
C LEU C 82 -2.90 20.47 -6.59
N VAL C 83 -3.72 20.80 -5.59
CA VAL C 83 -4.94 20.01 -5.28
C VAL C 83 -5.90 20.08 -6.49
N ASP C 84 -6.07 21.25 -7.09
CA ASP C 84 -6.96 21.42 -8.28
C ASP C 84 -6.45 20.51 -9.40
N THR C 85 -5.14 20.36 -9.57
CA THR C 85 -4.53 19.68 -10.73
C THR C 85 -4.61 18.16 -10.52
N PHE C 86 -4.13 17.66 -9.37
CA PHE C 86 -3.91 16.20 -9.17
C PHE C 86 -4.91 15.61 -8.18
N GLY C 87 -5.76 16.43 -7.58
CA GLY C 87 -6.96 15.95 -6.87
C GLY C 87 -6.81 15.90 -5.35
N GLY C 88 -5.64 16.24 -4.82
CA GLY C 88 -5.42 16.22 -3.36
C GLY C 88 -3.96 16.49 -3.04
N ILE C 89 -3.62 16.41 -1.75
CA ILE C 89 -2.20 16.48 -1.32
C ILE C 89 -1.99 15.48 -0.18
N ASP C 90 -1.15 14.49 -0.42
CA ASP C 90 -0.84 13.39 0.51
C ASP C 90 0.43 13.65 1.31
N ILE C 91 1.40 14.33 0.71
CA ILE C 91 2.76 14.50 1.29
C ILE C 91 3.19 15.94 1.12
N LEU C 92 3.64 16.58 2.20
CA LEU C 92 4.32 17.89 2.15
C LEU C 92 5.76 17.68 2.60
N VAL C 93 6.72 18.18 1.83
CA VAL C 93 8.13 18.29 2.28
C VAL C 93 8.46 19.78 2.34
N SER C 94 8.56 20.32 3.55
CA SER C 94 8.90 21.74 3.79
C SER C 94 10.42 21.85 3.86
N ASN C 95 11.04 22.18 2.74
CA ASN C 95 12.49 22.06 2.53
C ASN C 95 13.14 23.39 2.12
N ALA C 96 12.40 24.33 1.53
CA ALA C 96 13.03 25.58 1.07
C ALA C 96 13.90 26.18 2.18
N GLY C 97 15.07 26.68 1.81
CA GLY C 97 15.95 27.32 2.81
C GLY C 97 17.07 28.08 2.15
N ILE C 98 17.65 28.99 2.93
CA ILE C 98 18.90 29.72 2.61
C ILE C 98 19.80 29.73 3.85
N GLN C 99 21.03 30.18 3.66
CA GLN C 99 22.00 30.33 4.76
C GLN C 99 22.54 31.74 4.71
N ILE C 100 22.61 32.41 5.86
CA ILE C 100 23.25 33.75 6.00
C ILE C 100 24.16 33.69 7.21
N ILE C 101 25.46 33.86 7.00
CA ILE C 101 26.49 33.62 8.04
C ILE C 101 26.99 34.96 8.58
N ASP C 102 26.87 35.14 9.89
CA ASP C 102 27.43 36.31 10.59
C ASP C 102 27.36 36.00 12.08
N PRO C 103 28.32 36.47 12.87
CA PRO C 103 28.19 36.38 14.32
C PRO C 103 27.03 37.26 14.80
N ILE C 104 26.46 36.91 15.97
CA ILE C 104 25.25 37.59 16.49
C ILE C 104 25.53 39.10 16.58
N HIS C 105 26.73 39.48 17.03
CA HIS C 105 26.98 40.91 17.33
C HIS C 105 27.04 41.73 16.05
N LYS C 106 27.19 41.10 14.88
CA LYS C 106 27.31 41.81 13.58
C LYS C 106 26.08 41.56 12.70
N MET C 107 25.22 40.60 13.03
CA MET C 107 24.14 40.12 12.14
CA MET C 107 24.16 40.15 12.12
C MET C 107 23.08 41.23 11.99
N ALA C 108 22.74 41.60 10.76
CA ALA C 108 21.64 42.52 10.49
C ALA C 108 20.33 41.91 10.99
N PHE C 109 19.48 42.71 11.63
CA PHE C 109 18.15 42.25 12.04
C PHE C 109 17.35 41.76 10.84
N GLU C 110 17.45 42.43 9.69
CA GLU C 110 16.61 41.99 8.54
CA GLU C 110 16.72 42.05 8.45
C GLU C 110 17.09 40.62 8.04
N ASP C 111 18.35 40.27 8.22
CA ASP C 111 18.85 38.93 7.85
C ASP C 111 18.29 37.89 8.83
N TRP C 112 18.31 38.17 10.12
CA TRP C 112 17.67 37.32 11.15
C TRP C 112 16.22 37.06 10.72
N LYS C 113 15.47 38.11 10.41
N LYS C 113 15.48 38.14 10.46
CA LYS C 113 14.02 37.93 10.17
CA LYS C 113 14.05 38.03 10.14
C LYS C 113 13.78 37.20 8.85
C LYS C 113 13.85 37.17 8.89
N LYS C 114 14.62 37.42 7.83
CA LYS C 114 14.42 36.73 6.54
C LYS C 114 14.66 35.23 6.74
N MET C 115 15.67 34.89 7.52
CA MET C 115 15.98 33.48 7.80
C MET C 115 14.80 32.82 8.53
N LEU C 116 14.26 33.44 9.58
CA LEU C 116 13.11 32.84 10.29
C LEU C 116 11.89 32.79 9.39
N ALA C 117 11.70 33.81 8.54
CA ALA C 117 10.53 33.80 7.65
C ALA C 117 10.61 32.59 6.71
N ILE C 118 11.76 32.37 6.08
CA ILE C 118 11.85 31.27 5.08
C ILE C 118 11.72 29.92 5.80
N HIS C 119 12.49 29.71 6.87
CA HIS C 119 12.57 28.37 7.49
C HIS C 119 11.34 28.11 8.36
N LEU C 120 10.93 29.08 9.17
CA LEU C 120 9.83 28.88 10.14
C LEU C 120 8.47 29.32 9.60
N ASP C 121 8.33 30.55 9.10
CA ASP C 121 7.02 30.92 8.52
C ASP C 121 6.70 29.99 7.34
N GLY C 122 7.68 29.66 6.51
CA GLY C 122 7.41 28.77 5.37
C GLY C 122 6.86 27.43 5.85
N ALA C 123 7.44 26.89 6.93
CA ALA C 123 6.96 25.62 7.51
C ALA C 123 5.53 25.76 8.04
N PHE C 124 5.26 26.82 8.81
CA PHE C 124 3.90 27.03 9.35
C PHE C 124 2.91 27.14 8.18
N LEU C 125 3.17 28.05 7.25
CA LEU C 125 2.19 28.37 6.19
C LEU C 125 1.89 27.11 5.36
N THR C 126 2.92 26.38 4.93
CA THR C 126 2.73 25.21 4.05
C THR C 126 2.03 24.11 4.85
N THR C 127 2.42 23.93 6.10
CA THR C 127 1.77 22.92 6.96
C THR C 127 0.27 23.24 7.10
N LYS C 128 -0.06 24.48 7.47
CA LYS C 128 -1.47 24.84 7.70
C LYS C 128 -2.27 24.67 6.40
N ALA C 129 -1.73 25.12 5.27
CA ALA C 129 -2.47 24.98 3.99
C ALA C 129 -2.65 23.51 3.65
N ALA C 130 -1.62 22.69 3.84
CA ALA C 130 -1.70 21.26 3.47
C ALA C 130 -2.70 20.54 4.37
N ILE C 131 -2.67 20.78 5.69
CA ILE C 131 -3.54 19.99 6.61
C ILE C 131 -5.00 20.42 6.47
N GLN C 132 -5.32 21.59 5.95
CA GLN C 132 -6.71 21.96 5.57
CA GLN C 132 -6.74 21.89 5.72
C GLN C 132 -7.30 20.84 4.72
N HIS C 133 -6.49 20.36 3.77
CA HIS C 133 -6.89 19.29 2.83
C HIS C 133 -6.78 17.93 3.51
N MET C 134 -5.65 17.65 4.15
CA MET C 134 -5.40 16.31 4.71
C MET C 134 -6.43 15.98 5.80
N TYR C 135 -6.91 16.97 6.55
CA TYR C 135 -7.86 16.73 7.66
C TYR C 135 -9.25 16.38 7.11
N LYS C 136 -9.54 16.69 5.85
CA LYS C 136 -10.89 16.43 5.26
C LYS C 136 -11.16 14.93 5.30
N ASP C 137 -12.26 14.52 5.93
CA ASP C 137 -12.68 13.10 6.03
C ASP C 137 -11.58 12.28 6.72
N ASP C 138 -10.66 12.92 7.45
CA ASP C 138 -9.53 12.22 8.12
C ASP C 138 -8.78 11.36 7.09
N LYS C 139 -8.66 11.85 5.86
CA LYS C 139 -7.87 11.15 4.81
C LYS C 139 -6.40 11.04 5.27
N GLY C 140 -5.86 12.12 5.81
CA GLY C 140 -4.52 12.10 6.41
C GLY C 140 -3.43 12.33 5.40
N GLY C 141 -2.20 12.20 5.86
CA GLY C 141 -1.02 12.52 5.06
C GLY C 141 0.21 12.64 5.90
N THR C 142 1.30 12.97 5.22
CA THR C 142 2.67 12.99 5.79
C THR C 142 3.20 14.42 5.62
N VAL C 143 3.76 14.97 6.68
CA VAL C 143 4.50 16.26 6.63
C VAL C 143 5.93 16.00 7.10
N ILE C 144 6.87 16.24 6.21
CA ILE C 144 8.32 16.14 6.50
C ILE C 144 8.91 17.54 6.50
N TYR C 145 9.63 17.90 7.55
CA TYR C 145 10.43 19.14 7.62
C TYR C 145 11.90 18.82 7.39
N MET C 146 12.58 19.68 6.63
CA MET C 146 14.05 19.54 6.46
C MET C 146 14.71 20.30 7.61
N GLY C 147 15.10 19.55 8.63
CA GLY C 147 15.93 20.09 9.71
C GLY C 147 17.39 19.97 9.35
N SER C 148 18.22 19.70 10.34
CA SER C 148 19.69 19.66 10.21
C SER C 148 20.26 19.00 11.46
N VAL C 149 21.55 18.66 11.44
CA VAL C 149 22.28 18.49 12.71
C VAL C 149 22.14 19.77 13.54
N HIS C 150 22.00 20.90 12.87
CA HIS C 150 21.78 22.21 13.54
C HIS C 150 20.37 22.37 14.12
N SER C 151 19.52 21.34 14.06
CA SER C 151 18.30 21.21 14.92
C SER C 151 18.66 20.80 16.34
N HIS C 152 19.85 20.22 16.52
CA HIS C 152 20.22 19.50 17.76
C HIS C 152 21.43 20.14 18.44
N GLU C 153 22.30 20.80 17.68
CA GLU C 153 23.48 21.50 18.24
C GLU C 153 23.78 22.73 17.40
N ALA C 154 24.70 23.56 17.88
CA ALA C 154 25.05 24.85 17.25
C ALA C 154 26.38 24.77 16.50
N SER C 155 26.56 25.68 15.56
CA SER C 155 27.87 26.09 15.02
C SER C 155 28.01 27.61 15.15
N LEU C 156 29.25 28.09 15.16
CA LEU C 156 29.56 29.53 15.13
C LEU C 156 28.87 30.18 13.93
N PHE C 157 28.36 31.38 14.14
CA PHE C 157 28.05 32.35 13.06
C PHE C 157 26.77 31.96 12.31
N LYS C 158 25.95 31.08 12.90
CA LYS C 158 24.72 30.57 12.25
C LYS C 158 23.53 30.70 13.18
N ALA C 159 23.43 31.78 13.95
CA ALA C 159 22.37 31.93 14.97
C ALA C 159 20.98 31.73 14.36
N PRO C 160 20.52 32.48 13.34
CA PRO C 160 19.14 32.32 12.92
C PRO C 160 18.88 30.93 12.33
N TYR C 161 19.85 30.38 11.63
CA TYR C 161 19.72 29.04 11.02
C TYR C 161 19.54 27.98 12.12
N VAL C 162 20.41 28.02 13.11
CA VAL C 162 20.35 27.06 14.25
C VAL C 162 19.03 27.25 15.00
N THR C 163 18.66 28.50 15.25
CA THR C 163 17.37 28.80 15.94
C THR C 163 16.24 28.17 15.14
N ALA C 164 16.20 28.42 13.83
CA ALA C 164 15.09 27.94 12.99
C ALA C 164 15.06 26.42 12.97
N LYS C 165 16.20 25.79 12.76
CA LYS C 165 16.22 24.31 12.63
C LYS C 165 15.85 23.65 13.98
N HIS C 166 16.23 24.24 15.09
CA HIS C 166 15.70 23.80 16.42
C HIS C 166 14.18 23.98 16.48
N GLY C 167 13.70 25.13 16.02
CA GLY C 167 12.25 25.43 16.02
C GLY C 167 11.44 24.41 15.24
N LEU C 168 11.98 23.90 14.14
CA LEU C 168 11.22 22.94 13.30
C LEU C 168 10.96 21.65 14.09
N LEU C 169 11.86 21.23 14.97
CA LEU C 169 11.56 20.07 15.84
C LEU C 169 10.29 20.36 16.63
N GLY C 170 10.18 21.55 17.20
CA GLY C 170 8.99 21.87 18.02
C GLY C 170 7.73 21.84 17.20
N LEU C 171 7.73 22.45 16.01
CA LEU C 171 6.52 22.46 15.15
C LEU C 171 6.13 21.03 14.79
N CYS C 172 7.09 20.21 14.43
CA CYS C 172 6.85 18.79 14.09
C CYS C 172 6.20 18.07 15.28
N ARG C 173 6.72 18.29 16.46
CA ARG C 173 6.22 17.59 17.67
C ARG C 173 4.79 18.02 17.98
N VAL C 174 4.45 19.29 17.79
CA VAL C 174 3.05 19.74 17.96
C VAL C 174 2.18 19.06 16.91
N LEU C 175 2.59 19.10 15.63
CA LEU C 175 1.74 18.53 14.57
C LEU C 175 1.52 17.04 14.82
N ALA C 176 2.51 16.32 15.35
CA ALA C 176 2.30 14.88 15.61
C ALA C 176 1.14 14.70 16.58
N LYS C 177 1.05 15.55 17.61
CA LYS C 177 -0.05 15.46 18.60
C LYS C 177 -1.36 15.87 17.95
N GLU C 178 -1.41 17.00 17.26
CA GLU C 178 -2.68 17.55 16.72
C GLU C 178 -3.18 16.69 15.56
N GLY C 179 -2.28 16.18 14.74
CA GLY C 179 -2.65 15.53 13.47
C GLY C 179 -3.11 14.11 13.67
N ALA C 180 -2.82 13.49 14.81
CA ALA C 180 -3.06 12.04 14.99
C ALA C 180 -4.54 11.71 14.74
N VAL C 181 -5.46 12.51 15.25
CA VAL C 181 -6.91 12.16 15.16
C VAL C 181 -7.36 12.28 13.69
N HIS C 182 -6.56 12.94 12.85
CA HIS C 182 -6.85 13.11 11.41
C HIS C 182 -5.92 12.28 10.52
N ASN C 183 -5.23 11.30 11.06
CA ASN C 183 -4.31 10.42 10.28
C ASN C 183 -3.19 11.25 9.63
N VAL C 184 -2.74 12.32 10.27
CA VAL C 184 -1.55 13.08 9.80
C VAL C 184 -0.36 12.76 10.69
N ARG C 185 0.74 12.38 10.06
CA ARG C 185 2.03 12.10 10.73
C ARG C 185 3.07 13.13 10.29
N SER C 186 4.00 13.42 11.18
CA SER C 186 5.04 14.44 10.97
C SER C 186 6.42 13.85 11.26
N HIS C 187 7.43 14.36 10.56
CA HIS C 187 8.83 13.93 10.77
C HIS C 187 9.76 15.09 10.50
N VAL C 188 10.94 15.04 11.09
CA VAL C 188 12.06 15.93 10.72
C VAL C 188 13.24 15.10 10.26
N ILE C 189 13.76 15.39 9.06
CA ILE C 189 15.03 14.78 8.58
C ILE C 189 16.15 15.76 8.92
N CYS C 190 17.24 15.28 9.48
CA CYS C 190 18.34 16.14 9.98
C CYS C 190 19.65 15.76 9.32
N PRO C 191 19.93 16.26 8.10
CA PRO C 191 21.19 15.94 7.45
C PRO C 191 22.37 16.64 8.13
N GLY C 192 23.55 16.02 8.03
CA GLY C 192 24.83 16.74 8.11
C GLY C 192 25.10 17.50 6.83
N PHE C 193 26.34 17.95 6.63
CA PHE C 193 26.70 18.69 5.39
C PHE C 193 26.48 17.80 4.16
N VAL C 194 25.87 18.40 3.15
CA VAL C 194 25.59 17.80 1.82
C VAL C 194 26.09 18.79 0.78
N LYS C 195 26.83 18.32 -0.23
CA LYS C 195 27.45 19.21 -1.24
C LYS C 195 26.43 19.62 -2.31
N THR C 196 25.39 20.32 -1.88
CA THR C 196 24.41 20.95 -2.77
C THR C 196 25.02 22.24 -3.30
N PRO C 197 24.37 22.89 -4.29
CA PRO C 197 24.91 24.12 -4.83
C PRO C 197 25.10 25.10 -3.67
N LEU C 198 24.24 25.05 -2.66
CA LEU C 198 24.27 25.90 -1.44
C LEU C 198 25.63 25.76 -0.72
N VAL C 199 25.98 24.56 -0.26
CA VAL C 199 27.24 24.30 0.49
C VAL C 199 28.45 24.52 -0.43
N GLU C 200 28.35 24.18 -1.72
CA GLU C 200 29.48 24.38 -2.68
CA GLU C 200 29.48 24.38 -2.68
C GLU C 200 29.89 25.86 -2.67
N LYS C 201 28.93 26.77 -2.50
CA LYS C 201 29.21 28.23 -2.47
C LYS C 201 29.96 28.57 -1.18
N GLN C 202 29.64 27.88 -0.09
CA GLN C 202 30.19 28.18 1.26
C GLN C 202 31.70 27.87 1.30
N ILE C 203 32.17 26.85 0.57
CA ILE C 203 33.55 26.33 0.75
C ILE C 203 34.58 27.39 0.34
N PRO C 204 34.53 27.98 -0.88
CA PRO C 204 35.54 28.97 -1.26
C PRO C 204 35.44 30.23 -0.41
N GLN C 205 34.22 30.61 -0.04
CA GLN C 205 33.93 31.77 0.85
C GLN C 205 34.75 31.65 2.15
N GLN C 206 34.71 30.49 2.81
CA GLN C 206 35.35 30.29 4.14
C GLN C 206 36.88 30.19 3.99
N ALA C 207 37.34 29.53 2.93
CA ALA C 207 38.78 29.29 2.67
C ALA C 207 39.48 30.66 2.58
N ALA C 208 38.88 31.57 1.80
CA ALA C 208 39.38 32.94 1.54
C ALA C 208 39.42 33.76 2.84
N GLU C 209 38.33 33.75 3.62
CA GLU C 209 38.19 34.52 4.88
C GLU C 209 39.19 34.02 5.92
N LYS C 210 39.29 32.71 6.12
CA LYS C 210 40.12 32.08 7.19
C LYS C 210 41.58 32.03 6.74
N GLY C 211 41.83 32.15 5.44
CA GLY C 211 43.17 31.97 4.84
C GLY C 211 43.65 30.54 4.90
N ILE C 212 42.72 29.58 4.75
CA ILE C 212 43.00 28.12 4.84
C ILE C 212 42.59 27.45 3.53
N SER C 213 43.12 26.24 3.28
CA SER C 213 42.78 25.48 2.06
CA SER C 213 42.81 25.38 2.11
C SER C 213 41.30 25.10 2.10
N GLU C 214 40.73 24.84 0.92
CA GLU C 214 39.36 24.29 0.85
C GLU C 214 39.32 22.92 1.54
N GLU C 215 40.38 22.13 1.47
CA GLU C 215 40.40 20.81 2.14
CA GLU C 215 40.46 20.82 2.16
C GLU C 215 40.24 21.04 3.65
N SER C 216 40.84 22.11 4.18
CA SER C 216 40.75 22.42 5.63
C SER C 216 39.32 22.84 5.97
N VAL C 217 38.69 23.70 5.19
CA VAL C 217 37.27 24.07 5.42
C VAL C 217 36.47 22.77 5.52
N VAL C 218 36.64 21.91 4.53
CA VAL C 218 35.88 20.65 4.48
C VAL C 218 36.24 19.77 5.69
N ASN C 219 37.51 19.49 5.91
CA ASN C 219 37.89 18.40 6.85
CA ASN C 219 37.94 18.42 6.85
C ASN C 219 37.95 18.96 8.29
N ASP C 220 38.38 20.19 8.48
CA ASP C 220 38.68 20.73 9.83
C ASP C 220 37.48 21.52 10.36
N ILE C 221 36.50 21.86 9.51
CA ILE C 221 35.31 22.62 9.96
C ILE C 221 34.05 21.82 9.65
N MET C 222 33.78 21.51 8.38
CA MET C 222 32.48 20.95 7.98
C MET C 222 32.37 19.53 8.55
N LEU C 223 33.33 18.65 8.27
CA LEU C 223 33.23 17.19 8.58
C LEU C 223 34.03 16.80 9.81
N VAL C 224 34.48 17.77 10.60
CA VAL C 224 35.38 17.51 11.75
C VAL C 224 34.70 16.61 12.80
N ASN C 225 33.38 16.63 12.92
CA ASN C 225 32.68 15.88 13.99
C ASN C 225 31.97 14.66 13.39
N THR C 226 32.17 14.36 12.11
CA THR C 226 31.78 13.04 11.58
C THR C 226 32.77 12.01 12.09
N VAL C 227 32.39 10.75 12.11
CA VAL C 227 33.31 9.66 12.55
C VAL C 227 34.20 9.21 11.40
N ASP C 228 33.85 9.52 10.15
CA ASP C 228 34.46 8.88 8.97
C ASP C 228 34.82 9.90 7.90
N LYS C 229 34.69 11.19 8.16
CA LYS C 229 35.10 12.27 7.22
C LYS C 229 34.34 12.12 5.90
N GLU C 230 33.05 11.83 5.97
CA GLU C 230 32.18 11.73 4.77
C GLU C 230 31.11 12.81 4.81
N PHE C 231 30.84 13.42 3.66
CA PHE C 231 29.61 14.20 3.42
C PHE C 231 28.42 13.25 3.46
N THR C 232 27.28 13.76 3.91
CA THR C 232 25.97 13.18 3.64
C THR C 232 25.64 13.47 2.16
N THR C 233 24.87 12.62 1.51
CA THR C 233 24.55 12.83 0.08
C THR C 233 23.07 13.12 -0.15
N VAL C 234 22.76 13.71 -1.29
CA VAL C 234 21.33 13.95 -1.62
C VAL C 234 20.61 12.60 -1.73
N ASP C 235 21.24 11.54 -2.22
CA ASP C 235 20.56 10.23 -2.30
C ASP C 235 20.32 9.66 -0.89
N ASP C 236 21.22 9.88 0.07
CA ASP C 236 20.96 9.48 1.47
C ASP C 236 19.62 10.06 1.91
N ILE C 237 19.48 11.36 1.70
CA ILE C 237 18.29 12.09 2.22
C ILE C 237 17.05 11.70 1.43
N ALA C 238 17.15 11.55 0.12
CA ALA C 238 15.99 11.17 -0.72
C ALA C 238 15.54 9.74 -0.36
N GLN C 239 16.47 8.83 -0.08
CA GLN C 239 16.10 7.46 0.35
C GLN C 239 15.36 7.51 1.70
N LEU C 240 15.87 8.30 2.65
CA LEU C 240 15.17 8.43 3.96
C LEU C 240 13.79 9.06 3.75
N ALA C 241 13.70 10.10 2.91
CA ALA C 241 12.40 10.75 2.65
C ALA C 241 11.40 9.77 2.00
N LEU C 242 11.86 8.88 1.15
CA LEU C 242 10.99 7.89 0.47
C LEU C 242 10.57 6.83 1.51
N PHE C 243 11.52 6.35 2.30
CA PHE C 243 11.21 5.37 3.37
C PHE C 243 10.10 5.93 4.24
N LEU C 244 10.24 7.18 4.69
CA LEU C 244 9.21 7.80 5.57
C LEU C 244 7.90 8.00 4.82
N ALA C 245 7.91 8.60 3.63
CA ALA C 245 6.65 8.92 2.92
C ALA C 245 5.87 7.64 2.59
N ALA C 246 6.55 6.55 2.26
CA ALA C 246 5.90 5.28 1.85
C ALA C 246 5.56 4.41 3.07
N PHE C 247 6.02 4.76 4.27
CA PHE C 247 5.93 3.81 5.40
C PHE C 247 4.47 3.46 5.66
N PRO C 248 4.14 2.18 5.96
CA PRO C 248 2.73 1.79 5.96
C PRO C 248 1.95 2.15 7.23
N THR C 249 2.62 2.55 8.30
CA THR C 249 2.00 2.91 9.59
C THR C 249 2.50 4.28 10.04
N ASN C 250 1.88 4.83 11.08
CA ASN C 250 2.27 6.15 11.64
C ASN C 250 3.31 6.01 12.76
N VAL C 251 4.07 4.92 12.77
CA VAL C 251 4.96 4.60 13.92
C VAL C 251 6.01 5.70 14.13
N PHE C 252 6.46 6.42 13.09
CA PHE C 252 7.56 7.42 13.21
C PHE C 252 7.01 8.83 13.43
N THR C 253 5.73 8.98 13.69
CA THR C 253 5.16 10.34 13.85
C THR C 253 5.86 11.08 15.00
N GLY C 254 6.17 12.34 14.76
CA GLY C 254 6.82 13.21 15.75
C GLY C 254 8.33 13.07 15.78
N GLN C 255 8.91 12.09 15.10
CA GLN C 255 10.35 11.80 15.24
C GLN C 255 11.24 12.66 14.37
N SER C 256 12.45 12.92 14.86
CA SER C 256 13.59 13.40 14.03
C SER C 256 14.56 12.23 13.85
N ILE C 257 15.17 12.18 12.67
CA ILE C 257 16.18 11.16 12.32
C ILE C 257 17.39 11.90 11.76
N VAL C 258 18.52 11.70 12.39
CA VAL C 258 19.78 12.42 12.03
C VAL C 258 20.56 11.54 11.05
N ALA C 259 20.99 12.15 9.95
CA ALA C 259 21.67 11.47 8.83
C ALA C 259 22.98 12.21 8.56
N SER C 260 24.01 11.95 9.35
CA SER C 260 25.15 12.89 9.47
C SER C 260 26.51 12.19 9.57
N HIS C 261 26.62 10.89 9.36
CA HIS C 261 27.92 10.17 9.50
C HIS C 261 28.47 10.40 10.91
N GLY C 262 27.59 10.39 11.91
CA GLY C 262 27.98 10.35 13.33
C GLY C 262 28.24 11.69 13.95
N TRP C 263 27.88 12.78 13.27
CA TRP C 263 27.90 14.17 13.79
C TRP C 263 26.58 14.45 14.50
N PHE C 264 26.62 14.39 15.83
CA PHE C 264 25.48 14.40 16.77
C PHE C 264 24.75 13.07 16.68
N MET C 265 24.94 12.26 17.72
CA MET C 265 24.34 10.91 17.82
C MET C 265 23.08 11.00 18.66
N ASN C 266 21.93 10.98 18.00
CA ASN C 266 20.61 11.26 18.60
C ASN C 266 20.07 10.00 19.29
N ALA D 2 17.66 11.03 -9.14
CA ALA D 2 16.58 10.24 -8.56
C ALA D 2 17.20 8.96 -7.98
N THR D 3 16.59 8.41 -6.96
CA THR D 3 17.08 7.17 -6.33
C THR D 3 15.88 6.33 -5.93
N GLN D 4 16.15 5.27 -5.15
CA GLN D 4 15.15 4.26 -4.75
C GLN D 4 15.70 3.57 -3.50
N LEU D 5 14.87 2.82 -2.80
CA LEU D 5 15.32 2.12 -1.59
C LEU D 5 16.10 0.87 -1.94
N GLN D 6 17.07 0.54 -1.09
CA GLN D 6 17.86 -0.71 -1.20
C GLN D 6 17.41 -1.68 -0.12
N GLN D 7 17.17 -2.93 -0.49
CA GLN D 7 16.79 -3.94 0.53
C GLN D 7 17.29 -5.32 0.16
N ASP D 8 18.28 -5.44 -0.72
CA ASP D 8 18.83 -6.76 -1.08
C ASP D 8 19.95 -7.09 -0.08
N LEU D 9 19.81 -8.20 0.62
CA LEU D 9 20.88 -8.72 1.51
C LEU D 9 21.46 -10.02 0.95
N THR D 10 21.24 -10.31 -0.33
CA THR D 10 21.84 -11.52 -0.95
C THR D 10 23.36 -11.53 -0.75
N GLY D 11 23.87 -12.68 -0.29
CA GLY D 11 25.32 -12.86 -0.04
C GLY D 11 25.77 -12.38 1.34
N LYS D 12 24.87 -11.76 2.11
CA LYS D 12 25.21 -11.28 3.48
C LYS D 12 24.84 -12.35 4.51
N VAL D 13 25.53 -12.30 5.64
CA VAL D 13 25.31 -13.24 6.76
C VAL D 13 24.94 -12.41 7.98
N ALA D 14 23.81 -12.72 8.59
CA ALA D 14 23.32 -12.00 9.78
C ALA D 14 23.27 -12.95 10.97
N LEU D 15 23.56 -12.44 12.15
CA LEU D 15 23.31 -13.14 13.43
C LEU D 15 22.28 -12.32 14.20
N VAL D 16 21.16 -12.93 14.58
CA VAL D 16 20.10 -12.24 15.38
C VAL D 16 19.97 -12.99 16.69
N THR D 17 20.25 -12.33 17.81
CA THR D 17 20.05 -12.95 19.14
C THR D 17 18.60 -12.74 19.59
N GLY D 18 18.07 -13.73 20.29
CA GLY D 18 16.66 -13.73 20.68
C GLY D 18 15.74 -13.97 19.49
N ALA D 19 16.24 -14.66 18.46
CA ALA D 19 15.51 -14.77 17.17
C ALA D 19 14.46 -15.89 17.18
N ALA D 20 14.25 -16.59 18.29
CA ALA D 20 13.23 -17.66 18.35
C ALA D 20 11.82 -17.10 18.53
N SER D 21 11.66 -15.82 18.82
CA SER D 21 10.38 -15.24 19.28
C SER D 21 10.29 -13.78 18.80
N GLY D 22 9.09 -13.25 18.75
CA GLY D 22 8.85 -11.81 18.82
C GLY D 22 9.62 -11.01 17.80
N ILE D 23 10.15 -9.87 18.23
CA ILE D 23 10.81 -8.89 17.33
C ILE D 23 11.96 -9.61 16.60
N GLY D 24 12.79 -10.32 17.34
CA GLY D 24 13.96 -10.98 16.75
C GLY D 24 13.57 -11.95 15.64
N ARG D 25 12.55 -12.75 15.87
CA ARG D 25 12.07 -13.72 14.86
C ARG D 25 11.64 -12.98 13.59
N ASP D 26 10.91 -11.87 13.71
CA ASP D 26 10.47 -11.15 12.49
C ASP D 26 11.70 -10.57 11.78
N ILE D 27 12.64 -9.99 12.51
CA ILE D 27 13.86 -9.46 11.88
C ILE D 27 14.54 -10.60 11.12
N ALA D 28 14.74 -11.75 11.75
CA ALA D 28 15.46 -12.86 11.10
C ALA D 28 14.72 -13.32 9.85
N GLU D 29 13.42 -13.53 9.93
CA GLU D 29 12.62 -14.00 8.77
CA GLU D 29 12.66 -14.01 8.75
C GLU D 29 12.66 -12.96 7.65
N THR D 30 12.63 -11.67 8.01
CA THR D 30 12.67 -10.55 7.04
C THR D 30 14.04 -10.54 6.37
N TYR D 31 15.11 -10.65 7.14
CA TYR D 31 16.48 -10.69 6.57
C TYR D 31 16.59 -11.89 5.62
N ALA D 32 16.07 -13.05 5.99
CA ALA D 32 16.18 -14.27 5.16
C ALA D 32 15.37 -14.09 3.87
N LYS D 33 14.22 -13.42 3.93
CA LYS D 33 13.42 -13.14 2.72
C LYS D 33 14.23 -12.22 1.79
N ALA D 34 15.01 -11.31 2.36
CA ALA D 34 15.84 -10.34 1.61
C ALA D 34 17.14 -10.98 1.09
N GLY D 35 17.35 -12.27 1.37
CA GLY D 35 18.47 -13.01 0.79
C GLY D 35 19.59 -13.30 1.77
N ALA D 36 19.56 -12.81 3.01
CA ALA D 36 20.67 -13.07 3.95
C ALA D 36 20.62 -14.53 4.44
N ALA D 37 21.77 -15.12 4.74
CA ALA D 37 21.85 -16.33 5.56
C ALA D 37 21.82 -15.89 7.01
N VAL D 38 20.94 -16.47 7.82
CA VAL D 38 20.66 -15.93 9.18
C VAL D 38 20.97 -16.99 10.24
N GLY D 39 21.80 -16.61 11.20
CA GLY D 39 21.97 -17.33 12.47
C GLY D 39 20.86 -16.98 13.46
N ILE D 40 20.05 -17.97 13.83
CA ILE D 40 18.94 -17.85 14.78
C ILE D 40 19.51 -18.22 16.15
N ALA D 41 20.01 -17.23 16.88
CA ALA D 41 20.71 -17.45 18.15
C ALA D 41 19.71 -17.25 19.28
N ASP D 42 19.54 -18.25 20.15
CA ASP D 42 18.56 -18.16 21.24
C ASP D 42 18.98 -19.16 22.32
N ILE D 43 18.54 -18.89 23.55
CA ILE D 43 18.77 -19.83 24.67
C ILE D 43 17.79 -21.00 24.49
N ASN D 44 16.69 -20.81 23.76
CA ASN D 44 15.66 -21.84 23.48
C ASN D 44 15.98 -22.46 22.11
N LEU D 45 16.84 -23.47 22.06
CA LEU D 45 17.32 -24.08 20.79
C LEU D 45 16.15 -24.68 20.00
N GLU D 46 15.20 -25.35 20.66
CA GLU D 46 14.05 -25.97 19.95
C GLU D 46 13.27 -24.89 19.22
N ALA D 47 12.96 -23.77 19.89
CA ALA D 47 12.21 -22.66 19.28
C ALA D 47 13.07 -22.06 18.16
N ALA D 48 14.39 -21.98 18.36
CA ALA D 48 15.31 -21.48 17.30
C ALA D 48 15.16 -22.39 16.08
N GLN D 49 15.14 -23.71 16.26
CA GLN D 49 15.08 -24.63 15.09
C GLN D 49 13.70 -24.53 14.42
N LYS D 50 12.63 -24.25 15.15
CA LYS D 50 11.31 -24.00 14.53
C LYS D 50 11.40 -22.77 13.60
N THR D 51 12.08 -21.71 14.02
CA THR D 51 12.27 -20.50 13.18
C THR D 51 13.07 -20.88 11.93
N VAL D 52 14.16 -21.63 12.10
CA VAL D 52 14.98 -22.12 10.95
C VAL D 52 14.10 -22.94 10.00
N ASP D 53 13.27 -23.83 10.52
CA ASP D 53 12.40 -24.68 9.67
C ASP D 53 11.50 -23.82 8.80
N ALA D 54 10.92 -22.75 9.36
CA ALA D 54 10.06 -21.80 8.62
C ALA D 54 10.87 -21.14 7.52
N ILE D 55 12.02 -20.56 7.87
CA ILE D 55 12.88 -19.84 6.91
C ILE D 55 13.23 -20.77 5.75
N GLU D 56 13.65 -21.99 6.05
CA GLU D 56 14.10 -22.96 5.01
C GLU D 56 12.91 -23.33 4.12
N ALA D 57 11.75 -23.58 4.70
CA ALA D 57 10.53 -23.94 3.93
C ALA D 57 10.11 -22.76 3.05
N ALA D 58 10.43 -21.53 3.46
CA ALA D 58 10.09 -20.30 2.73
C ALA D 58 11.16 -20.00 1.67
N GLY D 59 12.19 -20.82 1.54
CA GLY D 59 13.19 -20.70 0.46
C GLY D 59 14.42 -19.91 0.87
N GLY D 60 14.65 -19.79 2.17
CA GLY D 60 15.84 -19.06 2.69
C GLY D 60 16.85 -19.97 3.35
N ARG D 61 17.89 -19.35 3.90
CA ARG D 61 18.99 -20.10 4.56
CA ARG D 61 19.03 -20.06 4.55
C ARG D 61 19.12 -19.63 6.01
N ALA D 62 19.21 -20.57 6.93
CA ALA D 62 19.35 -20.23 8.36
C ALA D 62 19.98 -21.38 9.12
N LEU D 63 20.44 -21.08 10.32
CA LEU D 63 21.16 -22.02 11.22
C LEU D 63 20.70 -21.73 12.64
N ALA D 64 20.30 -22.76 13.36
CA ALA D 64 19.89 -22.63 14.77
C ALA D 64 21.14 -22.68 15.63
N ILE D 65 21.34 -21.69 16.49
CA ILE D 65 22.56 -21.55 17.32
C ILE D 65 22.12 -21.44 18.77
N ALA D 66 22.43 -22.44 19.59
CA ALA D 66 22.20 -22.40 21.05
C ALA D 66 23.15 -21.37 21.65
N MET D 67 22.62 -20.28 22.18
CA MET D 67 23.48 -19.17 22.66
C MET D 67 22.78 -18.49 23.83
N ASP D 68 23.30 -18.68 25.03
CA ASP D 68 23.01 -17.81 26.21
C ASP D 68 23.94 -16.62 26.13
N VAL D 69 23.41 -15.45 25.77
CA VAL D 69 24.27 -14.26 25.48
C VAL D 69 24.96 -13.73 26.74
N THR D 70 24.65 -14.27 27.92
CA THR D 70 25.39 -13.89 29.14
C THR D 70 26.73 -14.60 29.24
N SER D 71 26.94 -15.64 28.44
CA SER D 71 28.15 -16.50 28.51
C SER D 71 29.15 -16.15 27.42
N GLU D 72 30.36 -15.74 27.80
CA GLU D 72 31.43 -15.43 26.83
C GLU D 72 31.66 -16.65 25.92
N ALA D 73 31.84 -17.82 26.49
CA ALA D 73 32.11 -19.04 25.67
C ALA D 73 30.95 -19.29 24.70
N ALA D 74 29.71 -19.21 25.17
CA ALA D 74 28.58 -19.53 24.26
C ALA D 74 28.53 -18.51 23.13
N VAL D 75 28.76 -17.24 23.43
CA VAL D 75 28.73 -16.19 22.37
C VAL D 75 29.86 -16.48 21.37
N ASN D 76 31.08 -16.67 21.86
CA ASN D 76 32.23 -16.82 20.96
C ASN D 76 32.05 -18.09 20.12
N ASP D 77 31.60 -19.16 20.73
CA ASP D 77 31.44 -20.45 20.01
C ASP D 77 30.33 -20.31 18.97
N GLY D 78 29.25 -19.60 19.29
CA GLY D 78 28.11 -19.45 18.36
C GLY D 78 28.46 -18.59 17.18
N VAL D 79 29.14 -17.48 17.40
CA VAL D 79 29.63 -16.63 16.28
C VAL D 79 30.56 -17.48 15.40
N GLN D 80 31.46 -18.27 16.00
CA GLN D 80 32.39 -19.10 15.20
C GLN D 80 31.60 -20.13 14.39
N ARG D 81 30.56 -20.73 14.95
CA ARG D 81 29.71 -21.70 14.19
C ARG D 81 29.10 -20.99 12.98
N LEU D 82 28.58 -19.77 13.15
CA LEU D 82 27.99 -19.01 12.02
C LEU D 82 29.05 -18.82 10.94
N VAL D 83 30.21 -18.32 11.32
CA VAL D 83 31.30 -18.01 10.36
C VAL D 83 31.77 -19.29 9.67
N ASP D 84 31.86 -20.40 10.41
CA ASP D 84 32.32 -21.68 9.81
C ASP D 84 31.28 -22.13 8.77
N THR D 85 30.00 -21.88 9.04
CA THR D 85 28.89 -22.41 8.23
C THR D 85 28.75 -21.56 6.96
N PHE D 86 28.73 -20.23 7.09
CA PHE D 86 28.32 -19.32 6.00
C PHE D 86 29.46 -18.46 5.48
N GLY D 87 30.61 -18.42 6.16
CA GLY D 87 31.84 -17.83 5.62
C GLY D 87 32.22 -16.51 6.27
N GLY D 88 31.36 -15.92 7.09
CA GLY D 88 31.64 -14.61 7.71
C GLY D 88 30.43 -14.11 8.46
N ILE D 89 30.53 -12.89 8.95
CA ILE D 89 29.38 -12.21 9.62
C ILE D 89 29.37 -10.76 9.15
N ASP D 90 28.27 -10.35 8.54
CA ASP D 90 28.08 -8.98 8.02
C ASP D 90 27.19 -8.14 8.93
N ILE D 91 26.23 -8.75 9.59
CA ILE D 91 25.20 -8.02 10.39
C ILE D 91 25.05 -8.73 11.72
N LEU D 92 25.07 -7.97 12.81
CA LEU D 92 24.70 -8.45 14.15
C LEU D 92 23.48 -7.66 14.59
N VAL D 93 22.45 -8.35 15.07
CA VAL D 93 21.30 -7.71 15.77
C VAL D 93 21.31 -8.24 17.20
N SER D 94 21.71 -7.41 18.14
CA SER D 94 21.77 -7.75 19.58
C SER D 94 20.40 -7.45 20.20
N ASN D 95 19.55 -8.46 20.32
CA ASN D 95 18.10 -8.30 20.58
C ASN D 95 17.62 -9.11 21.77
N ALA D 96 18.29 -10.20 22.16
CA ALA D 96 17.83 -11.01 23.31
C ALA D 96 17.54 -10.10 24.51
N GLY D 97 16.44 -10.36 25.20
CA GLY D 97 16.09 -9.59 26.38
C GLY D 97 14.96 -10.24 27.14
N ILE D 98 14.83 -9.81 28.38
CA ILE D 98 13.71 -10.17 29.30
C ILE D 98 13.32 -8.91 30.07
N GLN D 99 12.19 -9.01 30.74
CA GLN D 99 11.67 -7.95 31.64
C GLN D 99 11.48 -8.56 33.03
N ILE D 100 11.86 -7.82 34.06
CA ILE D 100 11.62 -8.17 35.49
C ILE D 100 11.17 -6.91 36.19
N ILE D 101 9.95 -6.95 36.73
CA ILE D 101 9.19 -5.78 37.27
CA ILE D 101 9.31 -5.73 37.27
C ILE D 101 9.33 -5.77 38.80
N ASP D 102 9.84 -4.71 39.40
CA ASP D 102 9.79 -4.50 40.87
C ASP D 102 10.29 -3.09 41.14
N PRO D 103 9.74 -2.39 42.15
CA PRO D 103 10.31 -1.12 42.54
C PRO D 103 11.74 -1.33 43.09
N ILE D 104 12.56 -0.30 43.03
CA ILE D 104 13.99 -0.37 43.43
C ILE D 104 14.10 -0.90 44.87
N HIS D 105 13.24 -0.44 45.78
CA HIS D 105 13.40 -0.78 47.22
C HIS D 105 13.07 -2.24 47.48
N LYS D 106 12.40 -2.93 46.56
CA LYS D 106 12.00 -4.35 46.72
C LYS D 106 12.78 -5.27 45.78
N MET D 107 13.49 -4.73 44.79
CA MET D 107 14.07 -5.59 43.73
CA MET D 107 14.10 -5.55 43.71
C MET D 107 15.24 -6.39 44.29
N ALA D 108 15.26 -7.69 44.04
CA ALA D 108 16.39 -8.58 44.36
C ALA D 108 17.62 -8.16 43.57
N PHE D 109 18.76 -8.04 44.22
CA PHE D 109 20.03 -7.76 43.52
C PHE D 109 20.29 -8.80 42.42
N GLU D 110 19.95 -10.06 42.68
CA GLU D 110 20.13 -11.12 41.64
C GLU D 110 19.37 -10.76 40.36
N ASP D 111 18.19 -10.18 40.50
CA ASP D 111 17.35 -9.80 39.33
C ASP D 111 17.99 -8.59 38.61
N TRP D 112 18.45 -7.60 39.36
CA TRP D 112 19.22 -6.46 38.77
C TRP D 112 20.36 -7.03 37.92
N LYS D 113 21.18 -7.90 38.48
CA LYS D 113 22.38 -8.42 37.80
CA LYS D 113 22.39 -8.38 37.78
C LYS D 113 21.99 -9.25 36.59
N LYS D 114 20.94 -10.06 36.68
CA LYS D 114 20.55 -10.90 35.53
C LYS D 114 20.12 -10.01 34.38
N MET D 115 19.39 -8.95 34.67
CA MET D 115 18.92 -8.00 33.63
CA MET D 115 18.91 -8.01 33.61
C MET D 115 20.12 -7.34 32.94
N LEU D 116 21.08 -6.84 33.71
CA LEU D 116 22.25 -6.19 33.08
C LEU D 116 23.06 -7.24 32.31
N ALA D 117 23.15 -8.48 32.81
CA ALA D 117 23.94 -9.50 32.10
C ALA D 117 23.32 -9.78 30.73
N ILE D 118 22.02 -9.92 30.64
CA ILE D 118 21.39 -10.27 29.34
C ILE D 118 21.47 -9.07 28.40
N HIS D 119 21.06 -7.90 28.85
CA HIS D 119 20.96 -6.73 27.94
C HIS D 119 22.33 -6.14 27.64
N LEU D 120 23.16 -5.94 28.66
CA LEU D 120 24.45 -5.22 28.51
C LEU D 120 25.60 -6.20 28.28
N ASP D 121 25.80 -7.20 29.12
CA ASP D 121 26.91 -8.14 28.82
C ASP D 121 26.64 -8.81 27.47
N GLY D 122 25.40 -9.20 27.18
CA GLY D 122 25.10 -9.82 25.87
C GLY D 122 25.48 -8.91 24.72
N ALA D 123 25.17 -7.63 24.82
CA ALA D 123 25.53 -6.65 23.78
C ALA D 123 27.05 -6.54 23.66
N PHE D 124 27.79 -6.42 24.76
CA PHE D 124 29.26 -6.32 24.69
C PHE D 124 29.82 -7.59 24.04
N LEU D 125 29.44 -8.76 24.55
CA LEU D 125 30.08 -10.02 24.13
C LEU D 125 29.83 -10.27 22.64
N THR D 126 28.58 -10.11 22.20
CA THR D 126 28.24 -10.34 20.77
C THR D 126 28.92 -9.29 19.92
N THR D 127 28.95 -8.04 20.35
CA THR D 127 29.62 -6.98 19.56
C THR D 127 31.09 -7.37 19.38
N LYS D 128 31.78 -7.62 20.48
CA LYS D 128 33.22 -7.90 20.43
C LYS D 128 33.48 -9.10 19.51
N ALA D 129 32.74 -10.20 19.67
CA ALA D 129 32.95 -11.39 18.84
C ALA D 129 32.70 -11.06 17.38
N ALA D 130 31.63 -10.31 17.07
CA ALA D 130 31.28 -10.00 15.67
C ALA D 130 32.36 -9.11 15.06
N ILE D 131 32.77 -8.04 15.74
CA ILE D 131 33.64 -7.03 15.10
C ILE D 131 35.05 -7.60 14.95
N GLN D 132 35.43 -8.62 15.70
CA GLN D 132 36.76 -9.23 15.47
C GLN D 132 36.78 -9.82 14.05
N HIS D 133 35.66 -10.34 13.58
CA HIS D 133 35.51 -10.84 12.19
C HIS D 133 35.35 -9.68 11.23
N MET D 134 34.46 -8.73 11.51
CA MET D 134 34.16 -7.63 10.58
C MET D 134 35.42 -6.79 10.33
N TYR D 135 36.26 -6.61 11.33
CA TYR D 135 37.51 -5.80 11.20
C TYR D 135 38.53 -6.49 10.26
N LYS D 136 38.40 -7.79 10.01
CA LYS D 136 39.06 -8.50 8.87
CA LYS D 136 39.09 -8.49 8.88
C LYS D 136 39.18 -7.57 7.65
N ASP D 137 40.39 -7.12 7.33
CA ASP D 137 40.73 -6.50 6.02
C ASP D 137 39.78 -5.33 5.77
N ASP D 138 39.20 -4.80 6.85
CA ASP D 138 38.24 -3.66 6.82
C ASP D 138 37.04 -3.98 5.92
N LYS D 139 36.57 -5.22 5.93
CA LYS D 139 35.33 -5.62 5.20
C LYS D 139 34.13 -4.85 5.79
N GLY D 140 34.07 -4.78 7.11
CA GLY D 140 33.05 -3.95 7.79
C GLY D 140 31.77 -4.71 7.94
N GLY D 141 30.75 -3.98 8.39
CA GLY D 141 29.51 -4.62 8.82
C GLY D 141 28.65 -3.68 9.63
N THR D 142 27.49 -4.20 10.01
CA THR D 142 26.41 -3.44 10.69
C THR D 142 26.10 -4.10 12.03
N VAL D 143 26.08 -3.31 13.09
CA VAL D 143 25.64 -3.79 14.43
C VAL D 143 24.42 -2.96 14.84
N ILE D 144 23.32 -3.64 15.05
CA ILE D 144 22.06 -3.01 15.52
C ILE D 144 21.75 -3.55 16.91
N TYR D 145 21.52 -2.64 17.85
CA TYR D 145 21.06 -3.00 19.21
C TYR D 145 19.56 -2.75 19.30
N MET D 146 18.84 -3.65 19.96
CA MET D 146 17.41 -3.41 20.27
C MET D 146 17.33 -2.64 21.58
N GLY D 147 17.13 -1.33 21.45
CA GLY D 147 16.80 -0.46 22.57
C GLY D 147 15.31 -0.43 22.82
N SER D 148 14.80 0.73 23.19
CA SER D 148 13.41 0.91 23.60
C SER D 148 13.15 2.41 23.71
N VAL D 149 11.90 2.82 23.80
CA VAL D 149 11.59 4.18 24.33
C VAL D 149 12.27 4.30 25.70
N HIS D 150 12.41 3.19 26.42
CA HIS D 150 13.07 3.16 27.75
C HIS D 150 14.60 3.28 27.66
N SER D 151 15.15 3.53 26.47
CA SER D 151 16.51 4.07 26.27
C SER D 151 16.55 5.57 26.54
N HIS D 152 15.40 6.23 26.48
CA HIS D 152 15.31 7.72 26.43
C HIS D 152 14.52 8.26 27.63
N GLU D 153 13.60 7.49 28.21
CA GLU D 153 12.84 7.92 29.41
C GLU D 153 12.55 6.69 30.27
N ALA D 154 11.98 6.93 31.45
CA ALA D 154 11.72 5.89 32.47
C ALA D 154 10.23 5.54 32.55
N SER D 155 9.96 4.36 33.08
CA SER D 155 8.65 3.99 33.69
C SER D 155 8.90 3.43 35.08
N LEU D 156 7.87 3.49 35.92
CA LEU D 156 7.86 2.86 37.26
C LEU D 156 8.25 1.39 37.16
N PHE D 157 9.04 0.93 38.12
CA PHE D 157 9.21 -0.50 38.47
C PHE D 157 10.09 -1.20 37.43
N LYS D 158 10.83 -0.45 36.61
CA LYS D 158 11.65 -1.05 35.53
C LYS D 158 13.09 -0.56 35.62
N ALA D 159 13.63 -0.37 36.81
CA ALA D 159 14.96 0.24 36.98
C ALA D 159 16.03 -0.48 36.14
N PRO D 160 16.24 -1.81 36.24
CA PRO D 160 17.38 -2.39 35.53
C PRO D 160 17.15 -2.36 34.01
N TYR D 161 15.91 -2.54 33.58
CA TYR D 161 15.59 -2.50 32.14
C TYR D 161 15.87 -1.12 31.57
N VAL D 162 15.39 -0.09 32.24
CA VAL D 162 15.62 1.31 31.79
C VAL D 162 17.13 1.63 31.84
N THR D 163 17.81 1.23 32.90
CA THR D 163 19.27 1.42 33.00
C THR D 163 19.94 0.77 31.78
N ALA D 164 19.59 -0.49 31.49
CA ALA D 164 20.26 -1.25 30.41
C ALA D 164 19.94 -0.63 29.04
N LYS D 165 18.68 -0.27 28.80
CA LYS D 165 18.34 0.28 27.48
C LYS D 165 18.97 1.66 27.27
N HIS D 166 19.12 2.47 28.31
CA HIS D 166 19.94 3.71 28.25
C HIS D 166 21.39 3.37 27.93
N GLY D 167 21.94 2.36 28.61
CA GLY D 167 23.33 1.96 28.41
C GLY D 167 23.61 1.54 26.98
N LEU D 168 22.67 0.90 26.30
CA LEU D 168 22.90 0.46 24.89
C LEU D 168 23.15 1.66 23.98
N LEU D 169 22.53 2.81 24.25
CA LEU D 169 22.85 4.02 23.45
C LEU D 169 24.34 4.31 23.58
N GLY D 170 24.88 4.26 24.81
CA GLY D 170 26.29 4.60 25.03
C GLY D 170 27.20 3.63 24.30
N LEU D 171 26.92 2.34 24.37
CA LEU D 171 27.74 1.32 23.68
C LEU D 171 27.68 1.56 22.17
N CYS D 172 26.49 1.82 21.62
CA CYS D 172 26.34 2.11 20.18
C CYS D 172 27.19 3.30 19.79
N ARG D 173 27.14 4.36 20.59
CA ARG D 173 27.86 5.61 20.26
C ARG D 173 29.37 5.38 20.27
N VAL D 174 29.90 4.61 21.21
CA VAL D 174 31.35 4.27 21.21
C VAL D 174 31.69 3.43 19.97
N LEU D 175 30.89 2.43 19.65
CA LEU D 175 31.20 1.58 18.48
C LEU D 175 31.14 2.42 17.19
N ALA D 176 30.27 3.41 17.08
CA ALA D 176 30.23 4.23 15.86
C ALA D 176 31.58 4.90 15.68
N LYS D 177 32.17 5.42 16.75
CA LYS D 177 33.50 6.09 16.68
C LYS D 177 34.58 5.06 16.39
N GLU D 178 34.64 3.96 17.13
CA GLU D 178 35.74 2.97 16.97
C GLU D 178 35.62 2.26 15.63
N GLY D 179 34.42 1.90 15.22
CA GLY D 179 34.19 1.05 14.04
C GLY D 179 34.45 1.78 12.72
N ALA D 180 34.42 3.10 12.72
CA ALA D 180 34.51 3.90 11.47
C ALA D 180 35.76 3.53 10.67
N VAL D 181 36.89 3.27 11.33
CA VAL D 181 38.14 3.06 10.54
C VAL D 181 38.16 1.64 9.97
N HIS D 182 37.17 0.82 10.30
CA HIS D 182 37.02 -0.56 9.77
C HIS D 182 35.69 -0.75 9.03
N ASN D 183 35.03 0.34 8.63
CA ASN D 183 33.75 0.25 7.89
C ASN D 183 32.68 -0.49 8.70
N VAL D 184 32.69 -0.32 10.01
CA VAL D 184 31.58 -0.85 10.86
C VAL D 184 30.70 0.31 11.32
N ARG D 185 29.41 0.16 11.10
CA ARG D 185 28.39 1.14 11.52
C ARG D 185 27.53 0.52 12.62
N SER D 186 27.00 1.38 13.49
CA SER D 186 26.17 0.94 14.64
C SER D 186 24.87 1.74 14.68
N HIS D 187 23.82 1.12 15.17
CA HIS D 187 22.51 1.79 15.34
C HIS D 187 21.80 1.22 16.56
N VAL D 188 20.85 1.99 17.10
CA VAL D 188 19.88 1.48 18.11
C VAL D 188 18.49 1.72 17.55
N ILE D 189 17.71 0.66 17.49
CA ILE D 189 16.25 0.76 17.23
C ILE D 189 15.54 0.85 18.57
N CYS D 190 14.61 1.79 18.75
CA CYS D 190 13.93 2.03 20.04
C CYS D 190 12.41 1.88 19.88
N PRO D 191 11.86 0.65 19.94
CA PRO D 191 10.41 0.47 19.84
C PRO D 191 9.67 1.02 21.06
N GLY D 192 8.43 1.44 20.84
CA GLY D 192 7.40 1.50 21.89
C GLY D 192 6.89 0.12 22.23
N PHE D 193 5.74 0.02 22.89
CA PHE D 193 5.16 -1.30 23.23
C PHE D 193 4.79 -2.03 21.95
N VAL D 194 5.19 -3.30 21.91
CA VAL D 194 4.92 -4.27 20.81
C VAL D 194 4.28 -5.49 21.47
N LYS D 195 3.19 -5.99 20.91
CA LYS D 195 2.43 -7.12 21.51
C LYS D 195 3.12 -8.45 21.18
N THR D 196 4.33 -8.64 21.71
CA THR D 196 5.07 -9.92 21.74
C THR D 196 4.71 -10.64 23.03
N PRO D 197 5.23 -11.87 23.27
CA PRO D 197 5.08 -12.53 24.57
C PRO D 197 5.60 -11.74 25.78
N LEU D 198 6.69 -10.98 25.62
CA LEU D 198 7.30 -10.11 26.66
C LEU D 198 6.25 -9.13 27.20
N VAL D 199 5.39 -8.60 26.33
CA VAL D 199 4.31 -7.64 26.70
C VAL D 199 3.03 -8.38 27.07
N GLU D 200 2.66 -9.42 26.31
CA GLU D 200 1.38 -10.16 26.53
C GLU D 200 1.31 -10.61 27.99
N LYS D 201 2.44 -11.05 28.57
CA LYS D 201 2.53 -11.52 29.98
C LYS D 201 2.17 -10.37 30.93
N GLN D 202 2.59 -9.14 30.62
CA GLN D 202 2.52 -7.98 31.56
C GLN D 202 1.07 -7.52 31.73
N ILE D 203 0.24 -7.74 30.71
CA ILE D 203 -1.10 -7.09 30.58
C ILE D 203 -2.02 -7.63 31.68
N PRO D 204 -2.21 -8.96 31.78
CA PRO D 204 -3.01 -9.55 32.88
C PRO D 204 -2.43 -9.25 34.27
N GLN D 205 -1.09 -9.30 34.40
CA GLN D 205 -0.33 -9.04 35.65
C GLN D 205 -0.63 -7.61 36.13
N GLN D 206 -0.55 -6.62 35.22
CA GLN D 206 -0.85 -5.19 35.49
C GLN D 206 -2.32 -5.04 35.93
N ALA D 207 -3.24 -5.60 35.14
CA ALA D 207 -4.71 -5.52 35.36
C ALA D 207 -5.05 -6.03 36.77
N ALA D 208 -4.38 -7.10 37.23
CA ALA D 208 -4.37 -7.59 38.63
C ALA D 208 -3.18 -6.99 39.38
N GLY D 211 -5.96 -3.10 39.84
CA GLY D 211 -7.29 -3.75 39.72
C GLY D 211 -8.18 -3.04 38.72
N ILE D 212 -7.87 -3.15 37.43
CA ILE D 212 -8.64 -2.54 36.31
C ILE D 212 -8.67 -3.51 35.13
N SER D 213 -9.46 -3.21 34.10
CA SER D 213 -9.59 -4.00 32.85
C SER D 213 -8.24 -4.06 32.11
N GLU D 214 -8.04 -5.09 31.29
CA GLU D 214 -6.85 -5.24 30.41
C GLU D 214 -6.84 -4.11 29.36
N GLU D 215 -8.02 -3.69 28.88
CA GLU D 215 -8.16 -2.58 27.91
C GLU D 215 -7.56 -1.30 28.51
N SER D 216 -7.82 -1.06 29.79
CA SER D 216 -7.38 0.15 30.52
C SER D 216 -5.87 0.09 30.77
N VAL D 217 -5.32 -1.11 31.02
CA VAL D 217 -3.85 -1.34 31.08
C VAL D 217 -3.25 -0.88 29.75
N VAL D 218 -3.90 -1.24 28.63
CA VAL D 218 -3.38 -0.93 27.26
C VAL D 218 -3.47 0.58 27.03
N ASN D 219 -4.66 1.18 27.14
CA ASN D 219 -4.92 2.54 26.60
CA ASN D 219 -4.92 2.54 26.59
C ASN D 219 -4.53 3.61 27.62
N ASP D 220 -4.65 3.30 28.92
CA ASP D 220 -4.53 4.30 30.02
C ASP D 220 -3.17 4.20 30.68
N ILE D 221 -2.46 3.09 30.49
CA ILE D 221 -1.08 2.91 31.05
C ILE D 221 -0.08 2.72 29.90
N MET D 222 -0.15 1.63 29.13
CA MET D 222 0.94 1.23 28.20
C MET D 222 1.02 2.21 27.03
N LEU D 223 -0.13 2.59 26.43
CA LEU D 223 -0.15 3.47 25.22
C LEU D 223 -0.57 4.90 25.55
N VAL D 224 -0.54 5.28 26.82
CA VAL D 224 -1.06 6.59 27.27
C VAL D 224 -0.25 7.73 26.64
N ASN D 225 1.04 7.53 26.37
CA ASN D 225 1.91 8.61 25.85
C ASN D 225 2.15 8.47 24.34
N THR D 226 1.45 7.56 23.67
CA THR D 226 1.34 7.59 22.19
C THR D 226 0.38 8.71 21.79
N VAL D 227 0.48 9.20 20.56
CA VAL D 227 -0.42 10.26 20.06
C VAL D 227 -1.70 9.64 19.49
N ASP D 228 -1.74 8.33 19.26
CA ASP D 228 -2.79 7.70 18.43
C ASP D 228 -3.29 6.39 19.05
N LYS D 229 -2.82 6.03 20.23
CA LYS D 229 -3.23 4.79 20.96
CA LYS D 229 -3.26 4.80 20.95
C LYS D 229 -3.04 3.58 20.05
N GLU D 230 -1.86 3.46 19.45
CA GLU D 230 -1.46 2.31 18.62
C GLU D 230 -0.25 1.64 19.23
N PHE D 231 -0.25 0.31 19.23
CA PHE D 231 0.97 -0.48 19.44
C PHE D 231 1.91 -0.28 18.26
N THR D 232 3.20 -0.35 18.54
CA THR D 232 4.24 -0.61 17.54
C THR D 232 4.14 -2.08 17.12
N THR D 233 4.46 -2.41 15.88
CA THR D 233 4.32 -3.82 15.45
C THR D 233 5.69 -4.43 15.15
N VAL D 234 5.73 -5.76 15.14
CA VAL D 234 6.98 -6.46 14.78
C VAL D 234 7.37 -6.07 13.36
N ASP D 235 6.41 -5.90 12.45
CA ASP D 235 6.78 -5.55 11.05
C ASP D 235 7.34 -4.11 10.98
N ASP D 236 6.87 -3.18 11.82
CA ASP D 236 7.47 -1.83 11.87
C ASP D 236 8.97 -1.97 12.13
N ILE D 237 9.31 -2.78 13.14
CA ILE D 237 10.71 -2.89 13.60
C ILE D 237 11.53 -3.66 12.57
N ALA D 238 10.96 -4.70 11.97
CA ALA D 238 11.69 -5.49 10.98
C ALA D 238 11.93 -4.66 9.70
N GLN D 239 10.97 -3.83 9.28
CA GLN D 239 11.20 -2.91 8.13
C GLN D 239 12.37 -1.98 8.47
N LEU D 240 12.33 -1.35 9.63
CA LEU D 240 13.43 -0.42 10.00
C LEU D 240 14.76 -1.18 10.02
N ALA D 241 14.79 -2.39 10.59
CA ALA D 241 16.03 -3.18 10.66
C ALA D 241 16.54 -3.55 9.27
N LEU D 242 15.65 -3.78 8.31
CA LEU D 242 16.03 -4.07 6.91
C LEU D 242 16.53 -2.78 6.24
N PHE D 243 15.81 -1.69 6.42
CA PHE D 243 16.25 -0.38 5.86
C PHE D 243 17.69 -0.09 6.30
N LEU D 244 17.98 -0.25 7.60
CA LEU D 244 19.33 0.05 8.13
C LEU D 244 20.34 -0.99 7.62
N ALA D 245 20.02 -2.27 7.69
CA ALA D 245 21.03 -3.30 7.32
C ALA D 245 21.41 -3.17 5.84
N ALA D 246 20.47 -2.82 4.97
CA ALA D 246 20.70 -2.75 3.51
C ALA D 246 21.12 -1.34 3.09
N PHE D 247 21.22 -0.37 4.00
CA PHE D 247 21.46 1.02 3.56
C PHE D 247 22.81 1.13 2.88
N PRO D 248 22.92 1.87 1.76
CA PRO D 248 24.14 1.76 0.95
C PRO D 248 25.35 2.53 1.51
N THR D 249 25.15 3.44 2.47
CA THR D 249 26.23 4.26 3.05
C THR D 249 26.19 4.13 4.58
N ASN D 250 27.20 4.66 5.24
CA ASN D 250 27.30 4.63 6.73
C ASN D 250 26.64 5.87 7.35
N VAL D 251 25.74 6.57 6.65
CA VAL D 251 25.21 7.87 7.12
C VAL D 251 24.53 7.76 8.49
N PHE D 252 23.92 6.63 8.84
CA PHE D 252 23.15 6.52 10.10
C PHE D 252 24.02 6.00 11.25
N THR D 253 25.33 5.90 11.08
CA THR D 253 26.16 5.31 12.14
C THR D 253 26.01 6.12 13.44
N GLY D 254 25.91 5.42 14.55
CA GLY D 254 25.79 6.01 15.90
C GLY D 254 24.38 6.44 16.27
N GLN D 255 23.43 6.37 15.35
CA GLN D 255 22.09 6.96 15.61
C GLN D 255 21.18 5.97 16.35
N SER D 256 20.28 6.52 17.15
CA SER D 256 19.05 5.83 17.59
C SER D 256 17.86 6.37 16.83
N ILE D 257 16.91 5.50 16.54
CA ILE D 257 15.65 5.85 15.84
C ILE D 257 14.51 5.30 16.66
N VAL D 258 13.60 6.18 17.11
CA VAL D 258 12.45 5.80 17.96
C VAL D 258 11.24 5.50 17.09
N ALA D 259 10.64 4.35 17.34
CA ALA D 259 9.51 3.81 16.55
C ALA D 259 8.37 3.51 17.52
N SER D 260 7.61 4.52 17.93
CA SER D 260 6.80 4.45 19.18
C SER D 260 5.44 5.12 19.04
N HIS D 261 5.02 5.55 17.85
CA HIS D 261 3.71 6.24 17.70
C HIS D 261 3.69 7.49 18.60
N GLY D 262 4.81 8.21 18.69
CA GLY D 262 4.83 9.54 19.32
C GLY D 262 5.12 9.50 20.82
N TRP D 263 5.40 8.32 21.36
CA TRP D 263 5.87 8.19 22.76
C TRP D 263 7.38 8.44 22.82
N PHE D 264 7.77 9.60 23.32
CA PHE D 264 9.13 10.17 23.28
C PHE D 264 9.49 10.56 21.85
N MET D 265 9.47 11.85 21.58
CA MET D 265 9.79 12.40 20.25
C MET D 265 11.25 12.86 20.23
N ASN D 266 12.08 12.07 19.60
CA ASN D 266 13.56 12.18 19.66
C ASN D 266 14.05 13.24 18.67
PA NAD E . -23.18 14.62 -9.51
O1A NAD E . -21.93 14.85 -8.73
O2A NAD E . -24.37 15.47 -9.25
O5B NAD E . -22.78 14.69 -11.04
C5B NAD E . -23.80 14.61 -12.06
C4B NAD E . -23.36 15.43 -13.24
O4B NAD E . -24.31 15.24 -14.31
C3B NAD E . -23.26 16.96 -13.00
O3B NAD E . -22.01 17.48 -13.44
C2B NAD E . -24.45 17.51 -13.78
O2B NAD E . -24.25 18.83 -14.24
C1B NAD E . -24.55 16.50 -14.91
N9A NAD E . -25.84 16.48 -15.59
C8A NAD E . -27.09 16.55 -15.01
N7A NAD E . -28.07 16.60 -15.89
C5A NAD E . -27.44 16.54 -17.13
C6A NAD E . -27.93 16.51 -18.44
N6A NAD E . -29.22 16.57 -18.79
N1A NAD E . -27.02 16.41 -19.45
C2A NAD E . -25.72 16.33 -19.12
N3A NAD E . -25.15 16.38 -17.92
C4A NAD E . -26.06 16.46 -16.95
O3 NAD E . -23.71 13.12 -9.37
PN NAD E . -23.02 11.71 -9.17
O1N NAD E . -21.58 11.76 -9.58
O2N NAD E . -23.38 11.27 -7.80
O5D NAD E . -23.89 10.84 -10.19
C5D NAD E . -23.33 10.30 -11.41
C4D NAD E . -24.12 9.09 -11.79
O4D NAD E . -23.92 8.09 -10.77
C3D NAD E . -25.64 9.28 -11.93
O3D NAD E . -26.14 8.56 -13.05
C2D NAD E . -26.18 8.67 -10.64
O2D NAD E . -27.49 8.17 -10.82
C1D NAD E . -25.19 7.54 -10.44
N1N NAD E . -25.12 7.05 -9.04
C2N NAD E . -24.78 7.87 -8.01
C3N NAD E . -24.67 7.34 -6.72
C7N NAD E . -24.36 8.20 -5.54
O7N NAD E . -24.58 7.75 -4.42
N7N NAD E . -23.78 9.36 -5.75
C4N NAD E . -24.84 5.96 -6.54
C5N NAD E . -25.18 5.16 -7.60
C6N NAD E . -25.29 5.69 -8.85
O1 AAE F . -30.31 6.77 -3.61
O1 AAE F . -30.47 6.68 -4.40
C2 AAE F . -29.51 7.57 -4.14
C2 AAE F . -29.77 7.66 -4.68
O3 AAE F . -29.82 8.73 -4.49
O3 AAE F . -30.13 8.86 -4.50
C4 AAE F . -28.09 7.08 -4.42
C4 AAE F . -28.39 7.40 -5.29
C5 AAE F . -28.01 6.37 -5.71
C5 AAE F . -28.05 5.94 -5.27
O8 AAE F . -27.70 6.97 -6.71
O8 AAE F . -28.22 5.23 -6.25
C9 AAE F . -28.46 4.95 -5.78
C9 AAE F . -27.55 5.38 -3.99
PA NAD G . -8.39 -28.43 -13.79
O1A NAD G . -8.78 -29.87 -13.86
O2A NAD G . -7.41 -27.91 -14.76
O5B NAD G . -7.85 -28.10 -12.34
C5B NAD G . -8.53 -28.61 -11.17
C4B NAD G . -7.50 -28.90 -10.11
O4B NAD G . -8.22 -29.31 -8.91
C3B NAD G . -6.52 -30.04 -10.45
O3B NAD G . -5.15 -29.67 -10.31
C2B NAD G . -6.98 -31.17 -9.52
O2B NAD G . -5.96 -32.07 -9.14
C1B NAD G . -7.51 -30.37 -8.33
N9A NAD G . -8.40 -31.11 -7.43
C8A NAD G . -9.43 -31.96 -7.76
N7A NAD G . -9.97 -32.55 -6.73
C5A NAD G . -9.26 -32.06 -5.64
C6A NAD G . -9.35 -32.30 -4.25
N6A NAD G . -10.21 -33.15 -3.70
N1A NAD G . -8.50 -31.60 -3.46
C2A NAD G . -7.60 -30.79 -4.02
N3A NAD G . -7.39 -30.52 -5.30
C4A NAD G . -8.28 -31.18 -6.07
O3 NAD G . -9.78 -27.61 -13.82
PN NAD G . -10.15 -26.07 -13.96
O1N NAD G . -8.93 -25.22 -13.80
O2N NAD G . -10.96 -25.95 -15.20
O5D NAD G . -11.14 -25.91 -12.72
C5D NAD G . -10.85 -25.05 -11.61
C4D NAD G . -12.16 -24.58 -11.04
O4D NAD G . -12.82 -23.77 -12.04
C3D NAD G . -13.17 -25.68 -10.66
O3D NAD G . -13.83 -25.39 -9.43
C2D NAD G . -14.17 -25.61 -11.81
O2D NAD G . -15.46 -26.08 -11.42
C1D NAD G . -14.18 -24.12 -12.10
N1N NAD G . -14.70 -23.76 -13.43
C2N NAD G . -14.10 -24.22 -14.58
C3N NAD G . -14.53 -23.79 -15.81
C7N NAD G . -13.95 -24.33 -17.10
O7N NAD G . -14.61 -24.17 -18.12
N7N NAD G . -12.75 -24.89 -17.08
C4N NAD G . -15.59 -22.87 -15.88
C5N NAD G . -16.15 -22.40 -14.71
C6N NAD G . -15.69 -22.84 -13.51
O1 AAE H . -18.07 -28.57 -17.20
O1 AAE H . -17.59 -27.75 -17.47
C2 AAE H . -18.51 -27.40 -17.18
C2 AAE H . -18.36 -26.80 -17.70
O3 AAE H . -19.72 -27.10 -17.32
O3 AAE H . -19.58 -26.95 -17.90
C4 AAE H . -17.53 -26.22 -16.99
C4 AAE H . -17.82 -25.39 -17.52
C5 AAE H . -18.22 -24.90 -16.81
C5 AAE H . -17.90 -25.04 -16.08
O8 AAE H . -18.65 -24.52 -15.71
O8 AAE H . -17.16 -25.52 -15.30
C9 AAE H . -18.41 -24.08 -18.03
C9 AAE H . -19.03 -24.17 -15.62
PA NAD I . 19.74 24.55 -2.38
O1A NAD I . 20.11 25.99 -2.38
O2A NAD I . 20.37 23.62 -3.36
O5B NAD I . 18.16 24.40 -2.53
C5B NAD I . 17.30 25.26 -1.72
C4B NAD I . 16.15 25.70 -2.59
O4B NAD I . 15.25 26.47 -1.78
C3B NAD I . 16.53 26.58 -3.81
O3B NAD I . 16.05 26.08 -5.04
C2B NAD I . 15.95 27.94 -3.41
O2B NAD I . 15.60 28.76 -4.50
C1B NAD I . 14.75 27.53 -2.56
N9A NAD I . 14.24 28.60 -1.72
C8A NAD I . 14.96 29.51 -0.98
N7A NAD I . 14.22 30.44 -0.43
C5A NAD I . 12.93 30.14 -0.87
C6A NAD I . 11.68 30.76 -0.65
N6A NAD I . 11.53 31.90 0.03
N1A NAD I . 10.60 30.17 -1.19
C2A NAD I . 10.76 29.08 -1.95
N3A NAD I . 11.88 28.42 -2.25
C4A NAD I . 12.93 29.02 -1.67
O3 NAD I . 20.00 24.06 -0.87
PN NAD I . 19.88 22.66 -0.11
O1N NAD I . 21.21 22.40 0.51
O2N NAD I . 19.27 21.62 -1.00
O5D NAD I . 18.86 23.04 1.05
C5D NAD I . 17.56 22.42 1.20
C4D NAD I . 17.22 22.38 2.67
O4D NAD I . 18.15 21.49 3.34
C3D NAD I . 17.32 23.73 3.41
O3D NAD I . 16.24 23.90 4.32
C2D NAD I . 18.62 23.59 4.19
O2D NAD I . 18.62 24.41 5.36
C1D NAD I . 18.58 22.12 4.52
N1N NAD I . 19.88 21.54 4.89
C2N NAD I . 20.93 21.54 4.00
C3N NAD I . 22.13 20.94 4.34
C7N NAD I . 23.32 20.95 3.42
O7N NAD I . 24.42 20.68 3.91
N7N NAD I . 23.15 21.25 2.14
C4N NAD I . 22.22 20.28 5.57
C5N NAD I . 21.14 20.23 6.42
C6N NAD I . 19.97 20.86 6.07
O1 AAE J . 25.48 24.85 8.04
O1 AAE J . 25.77 24.53 8.23
C2 AAE J . 25.27 24.91 6.82
C2 AAE J . 25.31 24.40 7.08
O3 AAE J . 25.31 25.98 6.16
O3 AAE J . 25.22 25.35 6.27
C4 AAE J . 24.98 23.60 6.09
C4 AAE J . 24.78 23.03 6.67
C5 AAE J . 24.62 22.44 7.01
C5 AAE J . 23.36 22.86 7.09
O8 AAE J . 23.63 22.49 7.79
O8 AAE J . 22.49 23.23 6.41
C9 AAE J . 25.44 21.23 6.94
C9 AAE J . 23.07 22.33 8.45
PA NAD K . 10.34 -12.15 23.30
O1A NAD K . 10.21 -12.65 24.70
O2A NAD K . 9.26 -12.46 22.32
O5B NAD K . 11.69 -12.67 22.65
C5B NAD K . 12.92 -12.59 23.40
C4B NAD K . 13.78 -13.77 23.01
O4B NAD K . 15.05 -13.66 23.72
C3B NAD K . 13.22 -15.16 23.35
O3B NAD K . 13.22 -16.06 22.24
C2B NAD K . 14.12 -15.64 24.49
O2B NAD K . 14.28 -17.04 24.57
C1B NAD K . 15.43 -14.95 24.13
N9A NAD K . 16.39 -14.82 25.22
C8A NAD K . 16.10 -14.53 26.53
N7A NAD K . 17.16 -14.55 27.31
C5A NAD K . 18.19 -14.96 26.48
C6A NAD K . 19.56 -15.20 26.69
N6A NAD K . 20.14 -15.16 27.90
N1A NAD K . 20.31 -15.54 25.62
C2A NAD K . 19.71 -15.67 24.42
N3A NAD K . 18.43 -15.52 24.12
C4A NAD K . 17.72 -15.13 25.19
O3 NAD K . 10.62 -10.57 23.44
PN NAD K . 10.57 -9.32 22.46
O1N NAD K . 9.45 -8.46 22.89
O2N NAD K . 10.64 -9.77 21.03
O5D NAD K . 11.90 -8.59 22.87
C5D NAD K . 13.07 -8.52 22.03
C4D NAD K . 13.85 -7.29 22.40
O4D NAD K . 13.04 -6.15 22.14
C3D NAD K . 14.28 -7.21 23.87
O3D NAD K . 15.60 -6.69 23.97
C2D NAD K . 13.29 -6.18 24.42
O2D NAD K . 13.85 -5.52 25.55
C1D NAD K . 13.12 -5.26 23.23
N1N NAD K . 11.89 -4.44 23.25
C2N NAD K . 10.65 -5.03 23.32
C3N NAD K . 9.52 -4.23 23.30
C7N NAD K . 8.13 -4.80 23.43
O7N NAD K . 7.22 -4.05 23.72
N7N NAD K . 7.95 -6.09 23.16
C4N NAD K . 9.65 -2.85 23.22
C5N NAD K . 10.89 -2.28 23.13
C6N NAD K . 12.00 -3.09 23.14
O1 AAE L . 7.91 -3.84 28.60
O1 AAE L . 8.24 -4.05 29.38
C2 AAE L . 7.86 -2.65 28.20
C2 AAE L . 8.42 -3.03 28.67
O3 AAE L . 7.71 -1.67 28.96
O3 AAE L . 8.44 -1.86 29.12
C4 AAE L . 8.13 -2.38 26.71
C4 AAE L . 8.76 -3.23 27.19
C5 AAE L . 9.58 -2.32 26.43
C5 AAE L . 9.04 -1.94 26.49
O8 AAE L . 10.22 -3.31 26.28
O8 AAE L . 10.19 -1.50 26.35
C9 AAE L . 10.26 -0.99 26.46
C9 AAE L . 7.85 -1.15 26.04
#